data_3CQ4
#
_entry.id   3CQ4
#
_cell.length_a   102.340
_cell.length_b   102.340
_cell.length_c   140.108
_cell.angle_alpha   90.00
_cell.angle_beta   90.00
_cell.angle_gamma   120.00
#
_symmetry.space_group_name_H-M   'P 32 2 1'
#
loop_
_entity.id
_entity.type
_entity.pdbx_description
1 polymer 'Histidinol-phosphate aminotransferase'
2 non-polymer 'ACETATE ION'
3 water water
#
_entity_poly.entity_id   1
_entity_poly.type   'polypeptide(L)'
_entity_poly.pdbx_seq_one_letter_code
;MTKITLSDLPLREELRGEHAYGAPQLNVDIRLNTNENPYPPSEALVADLVATVDKIATELNRYPERDAVELRDELAAYIT
KQTGVAVTRDNLWAANGSNEILQQLLQAFGGPGRTALGFQPSYSMHPILAKGTHTEFIAVSRGADFRIDMDVALEEIRAK
QPDIVFVTTPNNPTGDVTSLDDVERIINVAPGIVIVDEAYAEFSPSPSATTLLEKYPTKLVVSRTMSKAFDFAGGRLGYF
VANPAFIDAVMLVRLPYHLSALSQAAAIVALRHSADTLGTVEKLSVERVRVAARLEELGYAVVPSESNFVFFGDFSDQHA
AWQAFLDRGVLIRDVGIAGHLRTTIGVPEENDAFLDAAAEIIKLNLSAWSHPQFEK
;
_entity_poly.pdbx_strand_id   A,B
#
loop_
_chem_comp.id
_chem_comp.type
_chem_comp.name
_chem_comp.formula
ACT non-polymer 'ACETATE ION' 'C2 H3 O2 -1'
#
# COMPACT_ATOMS: atom_id res chain seq x y z
N LYS A 3 32.88 0.57 1.11
CA LYS A 3 31.56 0.53 0.40
C LYS A 3 30.46 1.00 1.35
N ILE A 4 29.63 1.97 0.95
CA ILE A 4 28.63 2.46 1.90
C ILE A 4 27.54 1.41 2.09
N THR A 5 27.10 1.36 3.33
CA THR A 5 26.15 0.34 3.69
C THR A 5 25.06 0.86 4.60
N LEU A 6 24.16 -0.06 4.89
CA LEU A 6 23.03 0.17 5.78
C LEU A 6 23.46 0.61 7.20
N SER A 7 24.64 0.15 7.65
CA SER A 7 25.18 0.62 8.94
C SER A 7 25.64 2.08 8.97
N ASP A 8 25.77 2.72 7.79
CA ASP A 8 26.11 4.13 7.66
C ASP A 8 24.93 5.06 7.64
N LEU A 9 23.73 4.48 7.67
CA LEU A 9 22.48 5.22 7.64
C LEU A 9 21.93 5.27 9.06
N PRO A 10 21.16 6.33 9.44
CA PRO A 10 20.64 6.43 10.79
C PRO A 10 19.35 5.58 11.03
N LEU A 11 19.43 4.31 10.68
CA LEU A 11 18.32 3.37 10.82
C LEU A 11 17.87 3.23 12.29
N ARG A 12 16.57 3.20 12.53
CA ARG A 12 16.11 2.85 13.88
C ARG A 12 16.84 1.59 14.35
N GLU A 13 17.44 1.66 15.54
CA GLU A 13 18.33 0.59 16.03
C GLU A 13 17.66 -0.76 16.16
N GLU A 14 16.36 -0.78 16.46
CA GLU A 14 15.68 -2.10 16.53
C GLU A 14 15.48 -2.77 15.16
N LEU A 15 15.60 -2.01 14.07
CA LEU A 15 15.48 -2.57 12.73
C LEU A 15 16.76 -3.28 12.25
N ARG A 16 17.88 -2.99 12.92
CA ARG A 16 19.16 -3.62 12.61
C ARG A 16 19.15 -5.09 12.98
N VAL A 28 10.53 -24.12 -12.35
CA VAL A 28 10.20 -25.22 -13.26
C VAL A 28 8.70 -25.24 -13.59
N ASP A 29 8.17 -26.42 -13.94
CA ASP A 29 6.90 -26.50 -14.70
C ASP A 29 5.60 -26.59 -13.88
N ILE A 30 5.54 -27.50 -12.91
CA ILE A 30 4.34 -27.63 -12.06
C ILE A 30 4.62 -27.06 -10.64
N ARG A 31 3.98 -25.93 -10.35
CA ARG A 31 4.25 -25.16 -9.13
C ARG A 31 3.04 -25.16 -8.20
N LEU A 32 3.16 -25.86 -7.08
CA LEU A 32 2.10 -25.96 -6.09
C LEU A 32 2.60 -25.41 -4.74
N ASN A 33 3.16 -24.21 -4.80
CA ASN A 33 3.87 -23.64 -3.66
C ASN A 33 3.35 -22.27 -3.21
N THR A 34 2.58 -21.58 -4.05
CA THR A 34 1.89 -20.37 -3.61
C THR A 34 0.39 -20.63 -3.67
N ASN A 35 -0.33 -20.14 -2.66
CA ASN A 35 -1.72 -20.53 -2.43
C ASN A 35 -2.72 -19.77 -3.30
N GLU A 36 -2.55 -19.82 -4.61
CA GLU A 36 -3.40 -19.06 -5.54
C GLU A 36 -4.18 -19.97 -6.48
N ASN A 37 -5.24 -19.40 -7.06
CA ASN A 37 -6.12 -20.12 -7.99
C ASN A 37 -5.43 -20.29 -9.35
N PRO A 38 -5.15 -21.56 -9.75
CA PRO A 38 -4.45 -21.85 -10.99
C PRO A 38 -5.32 -21.78 -12.24
N TYR A 39 -6.64 -21.73 -12.09
CA TYR A 39 -7.54 -21.75 -13.23
C TYR A 39 -7.54 -20.42 -13.96
N PRO A 40 -7.60 -20.47 -15.32
CA PRO A 40 -7.64 -19.27 -16.13
C PRO A 40 -8.91 -18.47 -15.93
N PRO A 41 -8.84 -17.15 -16.10
CA PRO A 41 -10.03 -16.32 -15.95
C PRO A 41 -11.01 -16.56 -17.10
N SER A 42 -12.29 -16.20 -16.87
CA SER A 42 -13.31 -16.38 -17.87
C SER A 42 -13.16 -15.34 -18.98
N GLU A 43 -13.54 -15.73 -20.20
CA GLU A 43 -13.48 -14.81 -21.34
C GLU A 43 -14.30 -13.54 -21.04
N ALA A 44 -15.45 -13.71 -20.38
CA ALA A 44 -16.27 -12.56 -19.96
C ALA A 44 -15.53 -11.64 -18.98
N LEU A 45 -14.79 -12.24 -18.05
CA LEU A 45 -13.97 -11.48 -17.09
C LEU A 45 -12.95 -10.61 -17.83
N VAL A 46 -12.07 -11.27 -18.59
CA VAL A 46 -11.06 -10.61 -19.41
C VAL A 46 -11.64 -9.53 -20.31
N ALA A 47 -12.78 -9.81 -20.94
CA ALA A 47 -13.47 -8.85 -21.80
C ALA A 47 -13.86 -7.61 -21.02
N ASP A 48 -14.51 -7.84 -19.87
CA ASP A 48 -14.96 -6.76 -19.02
C ASP A 48 -13.77 -5.92 -18.49
N LEU A 49 -12.70 -6.62 -18.18
CA LEU A 49 -11.49 -6.03 -17.61
C LEU A 49 -10.87 -5.05 -18.62
N VAL A 50 -10.69 -5.52 -19.86
CA VAL A 50 -10.10 -4.69 -20.92
C VAL A 50 -11.01 -3.52 -21.31
N ALA A 51 -12.32 -3.73 -21.30
CA ALA A 51 -13.27 -2.66 -21.63
C ALA A 51 -13.31 -1.61 -20.54
N THR A 52 -13.20 -2.07 -19.29
CA THR A 52 -13.21 -1.18 -18.13
C THR A 52 -11.97 -0.31 -18.11
N VAL A 53 -10.82 -0.95 -18.28
CA VAL A 53 -9.56 -0.20 -18.29
C VAL A 53 -9.54 0.82 -19.45
N ASP A 54 -10.04 0.43 -20.63
CA ASP A 54 -10.16 1.32 -21.79
C ASP A 54 -11.02 2.53 -21.45
N LYS A 55 -12.19 2.27 -20.87
CA LYS A 55 -13.09 3.34 -20.40
C LYS A 55 -12.41 4.24 -19.36
N ILE A 56 -11.77 3.64 -18.37
CA ILE A 56 -11.09 4.39 -17.30
C ILE A 56 -9.84 5.10 -17.84
N ALA A 57 -9.17 4.46 -18.81
CA ALA A 57 -7.94 4.99 -19.36
C ALA A 57 -8.22 6.25 -20.19
N THR A 58 -9.19 6.16 -21.09
CA THR A 58 -9.82 7.35 -21.64
C THR A 58 -10.42 8.07 -20.43
N GLU A 59 -10.46 9.39 -20.46
CA GLU A 59 -10.58 10.16 -19.23
C GLU A 59 -11.77 11.09 -19.29
N LEU A 60 -12.89 10.65 -18.72
CA LEU A 60 -14.14 11.43 -18.78
C LEU A 60 -14.21 12.44 -17.64
N ARG A 66 -15.19 8.83 -2.98
CA ARG A 66 -14.27 9.37 -1.98
C ARG A 66 -13.37 8.28 -1.37
N ASP A 67 -14.01 7.23 -0.84
CA ASP A 67 -13.34 6.17 -0.10
C ASP A 67 -13.78 4.79 -0.60
N ALA A 68 -13.59 4.56 -1.89
CA ALA A 68 -13.89 3.25 -2.50
C ALA A 68 -15.31 2.75 -2.18
N VAL A 69 -16.26 3.68 -2.21
CA VAL A 69 -17.66 3.38 -1.88
C VAL A 69 -18.25 2.34 -2.83
N GLU A 70 -17.94 2.43 -4.12
CA GLU A 70 -18.50 1.49 -5.09
C GLU A 70 -17.91 0.11 -4.91
N LEU A 71 -16.60 0.03 -4.71
CA LEU A 71 -15.99 -1.27 -4.45
C LEU A 71 -16.62 -1.89 -3.21
N ARG A 72 -16.89 -1.08 -2.22
CA ARG A 72 -17.37 -1.54 -0.92
C ARG A 72 -18.81 -2.02 -0.97
N ASP A 73 -19.60 -1.39 -1.84
CA ASP A 73 -20.95 -1.88 -2.17
C ASP A 73 -20.86 -3.27 -2.74
N GLU A 74 -19.96 -3.45 -3.70
CA GLU A 74 -19.81 -4.74 -4.36
C GLU A 74 -19.23 -5.80 -3.44
N LEU A 75 -18.26 -5.44 -2.58
CA LEU A 75 -17.72 -6.40 -1.60
C LEU A 75 -18.81 -6.81 -0.61
N ALA A 76 -19.60 -5.85 -0.17
CA ALA A 76 -20.72 -6.14 0.75
C ALA A 76 -21.73 -7.11 0.12
N ALA A 77 -22.01 -6.93 -1.18
CA ALA A 77 -22.89 -7.84 -1.92
C ALA A 77 -22.28 -9.22 -2.01
N TYR A 78 -20.99 -9.30 -2.31
CA TYR A 78 -20.30 -10.57 -2.35
C TYR A 78 -20.46 -11.30 -1.00
N ILE A 79 -20.09 -10.61 0.07
CA ILE A 79 -20.09 -11.24 1.41
C ILE A 79 -21.49 -11.67 1.86
N THR A 80 -22.47 -10.87 1.51
CA THR A 80 -23.87 -11.18 1.81
C THR A 80 -24.29 -12.51 1.18
N LYS A 81 -24.01 -12.67 -0.11
CA LYS A 81 -24.23 -13.93 -0.80
C LYS A 81 -23.37 -15.06 -0.29
N GLN A 82 -22.09 -14.80 -0.05
CA GLN A 82 -21.18 -15.88 0.34
C GLN A 82 -21.44 -16.33 1.76
N THR A 83 -21.60 -15.38 2.67
CA THR A 83 -21.72 -15.77 4.07
C THR A 83 -23.17 -15.89 4.52
N GLY A 84 -24.08 -15.25 3.78
CA GLY A 84 -25.48 -15.23 4.20
C GLY A 84 -25.79 -14.14 5.22
N VAL A 85 -24.80 -13.37 5.63
CA VAL A 85 -25.02 -12.29 6.61
C VAL A 85 -25.16 -10.97 5.86
N ALA A 86 -26.27 -10.28 6.10
CA ALA A 86 -26.61 -9.09 5.31
C ALA A 86 -25.78 -7.88 5.72
N VAL A 87 -24.89 -7.45 4.84
CA VAL A 87 -24.05 -6.29 5.10
C VAL A 87 -24.13 -5.25 3.97
N THR A 88 -23.77 -4.01 4.32
CA THR A 88 -23.65 -2.94 3.37
C THR A 88 -22.19 -2.39 3.34
N ARG A 89 -21.97 -1.37 2.51
CA ARG A 89 -20.65 -0.75 2.42
C ARG A 89 -20.18 -0.17 3.76
N ASP A 90 -21.10 0.09 4.66
CA ASP A 90 -20.72 0.64 5.95
C ASP A 90 -20.07 -0.42 6.88
N ASN A 91 -20.19 -1.69 6.54
CA ASN A 91 -19.48 -2.75 7.25
C ASN A 91 -18.18 -3.13 6.56
N LEU A 92 -17.93 -2.54 5.39
CA LEU A 92 -16.85 -2.95 4.51
C LEU A 92 -15.75 -1.95 4.33
N TRP A 93 -14.51 -2.45 4.42
CA TRP A 93 -13.34 -1.63 4.25
C TRP A 93 -12.29 -2.36 3.40
N ALA A 94 -11.76 -1.65 2.40
CA ALA A 94 -10.87 -2.22 1.40
C ALA A 94 -9.50 -1.57 1.45
N ALA A 95 -8.45 -2.35 1.23
CA ALA A 95 -7.08 -1.85 1.12
C ALA A 95 -6.38 -2.68 0.05
N ASN A 96 -5.13 -2.30 -0.25
CA ASN A 96 -4.34 -2.94 -1.33
C ASN A 96 -4.08 -4.43 -1.13
N GLY A 97 -4.12 -4.85 0.13
CA GLY A 97 -3.95 -6.27 0.44
C GLY A 97 -4.20 -6.51 1.92
N SER A 98 -4.12 -7.77 2.32
CA SER A 98 -4.37 -8.20 3.68
C SER A 98 -3.39 -7.61 4.66
N ASN A 99 -2.11 -7.53 4.27
CA ASN A 99 -1.09 -6.91 5.08
C ASN A 99 -1.44 -5.47 5.38
N GLU A 100 -1.95 -4.75 4.37
CA GLU A 100 -2.32 -3.34 4.56
C GLU A 100 -3.55 -3.17 5.47
N ILE A 101 -4.55 -4.05 5.32
CA ILE A 101 -5.70 -4.16 6.23
C ILE A 101 -5.21 -4.37 7.66
N LEU A 102 -4.28 -5.31 7.86
CA LEU A 102 -3.74 -5.57 9.19
C LEU A 102 -2.94 -4.39 9.73
N GLN A 103 -2.12 -3.80 8.87
CA GLN A 103 -1.35 -2.64 9.29
C GLN A 103 -2.27 -1.58 9.83
N GLN A 104 -3.30 -1.23 9.08
CA GLN A 104 -4.21 -0.17 9.50
C GLN A 104 -4.90 -0.50 10.84
N LEU A 105 -5.29 -1.76 11.01
CA LEU A 105 -5.96 -2.15 12.25
C LEU A 105 -4.98 -2.06 13.44
N LEU A 106 -3.74 -2.51 13.23
CA LEU A 106 -2.69 -2.44 14.24
C LEU A 106 -2.35 -1.00 14.59
N GLN A 107 -2.34 -0.11 13.59
CA GLN A 107 -2.15 1.32 13.84
C GLN A 107 -3.29 1.92 14.69
N ALA A 108 -4.53 1.49 14.47
CA ALA A 108 -5.66 2.01 15.22
C ALA A 108 -5.80 1.37 16.61
N PHE A 109 -5.50 0.09 16.70
CA PHE A 109 -5.83 -0.69 17.90
C PHE A 109 -4.64 -1.33 18.60
N GLY A 110 -3.47 -1.35 17.95
CA GLY A 110 -2.27 -1.93 18.52
C GLY A 110 -1.29 -0.82 18.80
N GLY A 111 -0.04 -1.01 18.42
CA GLY A 111 0.93 0.07 18.45
C GLY A 111 1.74 0.12 19.73
N PRO A 112 2.47 1.21 19.93
CA PRO A 112 3.33 1.37 21.11
C PRO A 112 2.60 1.08 22.42
N GLY A 113 3.19 0.25 23.25
CA GLY A 113 2.58 -0.10 24.54
C GLY A 113 1.46 -1.14 24.46
N ARG A 114 1.19 -1.67 23.26
CA ARG A 114 0.14 -2.67 23.08
C ARG A 114 0.67 -3.91 22.42
N THR A 115 -0.11 -4.97 22.53
CA THR A 115 0.32 -6.28 22.10
C THR A 115 -0.75 -6.98 21.25
N ALA A 116 -0.28 -7.89 20.39
CA ALA A 116 -1.14 -8.78 19.62
C ALA A 116 -0.68 -10.19 19.83
N LEU A 117 -1.66 -11.07 20.07
CA LEU A 117 -1.42 -12.47 20.38
C LEU A 117 -1.96 -13.34 19.24
N GLY A 118 -1.18 -14.35 18.85
CA GLY A 118 -1.54 -15.29 17.80
C GLY A 118 -1.11 -16.71 18.13
N PHE A 119 -1.57 -17.66 17.29
CA PHE A 119 -1.42 -19.08 17.57
C PHE A 119 -0.57 -19.76 16.53
N GLN A 120 0.60 -20.26 16.92
CA GLN A 120 1.60 -20.69 15.93
C GLN A 120 1.53 -22.19 15.66
N PRO A 121 1.80 -22.60 14.41
CA PRO A 121 2.27 -21.78 13.31
C PRO A 121 1.14 -21.07 12.54
N SER A 122 1.34 -19.79 12.27
CA SER A 122 0.45 -19.00 11.43
C SER A 122 1.21 -17.99 10.55
N TYR A 123 0.72 -17.72 9.35
CA TYR A 123 1.35 -16.77 8.44
C TYR A 123 0.77 -15.36 8.52
N SER A 124 -0.30 -15.16 9.28
CA SER A 124 -1.01 -13.88 9.30
C SER A 124 -0.24 -12.74 10.01
N MET A 125 0.43 -13.06 11.11
CA MET A 125 1.14 -12.04 11.87
C MET A 125 2.60 -11.92 11.37
N HIS A 126 2.78 -11.34 10.19
CA HIS A 126 4.09 -11.11 9.64
C HIS A 126 4.94 -10.20 10.56
N PRO A 127 6.19 -10.61 10.87
CA PRO A 127 7.03 -9.79 11.75
C PRO A 127 7.21 -8.34 11.31
N ILE A 128 7.19 -8.07 10.01
CA ILE A 128 7.29 -6.69 9.51
C ILE A 128 6.13 -5.82 10.02
N LEU A 129 4.96 -6.41 10.22
CA LEU A 129 3.83 -5.68 10.77
C LEU A 129 4.11 -5.17 12.18
N ALA A 130 4.66 -6.04 13.03
CA ALA A 130 5.07 -5.66 14.39
C ALA A 130 6.06 -4.48 14.36
N LYS A 131 7.07 -4.59 13.50
CA LYS A 131 8.15 -3.61 13.48
C LYS A 131 7.64 -2.29 12.95
N GLY A 132 6.86 -2.31 11.88
CA GLY A 132 6.37 -1.08 11.29
C GLY A 132 5.34 -0.34 12.14
N THR A 133 4.56 -1.10 12.92
CA THR A 133 3.50 -0.50 13.72
C THR A 133 3.89 -0.33 15.18
N HIS A 134 5.02 -0.93 15.58
CA HIS A 134 5.49 -0.96 16.97
C HIS A 134 4.53 -1.66 17.91
N THR A 135 3.91 -2.71 17.40
CA THR A 135 3.09 -3.58 18.20
C THR A 135 3.96 -4.75 18.56
N GLU A 136 3.88 -5.16 19.83
CA GLU A 136 4.56 -6.36 20.31
C GLU A 136 3.69 -7.56 20.00
N PHE A 137 4.26 -8.55 19.30
CA PHE A 137 3.57 -9.79 18.98
C PHE A 137 3.92 -10.86 20.01
N ILE A 138 2.87 -11.54 20.49
CA ILE A 138 2.94 -12.67 21.41
C ILE A 138 2.49 -13.89 20.64
N ALA A 139 3.18 -15.01 20.86
CA ALA A 139 2.89 -16.28 20.20
C ALA A 139 2.56 -17.35 21.24
N VAL A 140 1.52 -18.12 20.94
CA VAL A 140 1.08 -19.23 21.73
C VAL A 140 1.08 -20.39 20.75
N SER A 141 1.66 -21.51 21.15
CA SER A 141 1.70 -22.67 20.26
C SER A 141 0.35 -23.36 20.15
N ARG A 142 0.01 -23.76 18.94
CA ARG A 142 -1.05 -24.72 18.71
C ARG A 142 -0.68 -26.07 19.35
N GLY A 143 -1.65 -26.97 19.48
CA GLY A 143 -1.42 -28.28 20.11
C GLY A 143 -0.74 -29.22 19.15
N ALA A 144 -0.40 -30.42 19.62
CA ALA A 144 0.30 -31.43 18.80
C ALA A 144 -0.46 -31.83 17.52
N ASP A 145 -1.77 -31.60 17.49
CA ASP A 145 -2.58 -31.89 16.30
C ASP A 145 -2.61 -30.70 15.30
N PHE A 146 -1.86 -29.65 15.63
CA PHE A 146 -1.87 -28.37 14.91
C PHE A 146 -3.17 -27.57 15.02
N ARG A 147 -4.05 -27.97 15.94
CA ARG A 147 -5.26 -27.20 16.23
C ARG A 147 -4.95 -26.28 17.39
N ILE A 148 -5.77 -25.25 17.56
CA ILE A 148 -5.66 -24.40 18.72
C ILE A 148 -6.02 -25.22 19.95
N ASP A 149 -5.14 -25.16 20.95
CA ASP A 149 -5.35 -25.79 22.23
C ASP A 149 -6.01 -24.72 23.07
N MET A 150 -7.30 -24.92 23.33
CA MET A 150 -8.16 -23.88 23.89
C MET A 150 -7.82 -23.56 25.34
N ASP A 151 -7.41 -24.55 26.10
CA ASP A 151 -7.04 -24.28 27.50
C ASP A 151 -5.87 -23.32 27.52
N VAL A 152 -4.83 -23.65 26.77
CA VAL A 152 -3.65 -22.79 26.68
C VAL A 152 -3.97 -21.42 26.03
N ALA A 153 -4.82 -21.43 25.01
CA ALA A 153 -5.25 -20.19 24.36
C ALA A 153 -5.91 -19.24 25.34
N LEU A 154 -6.99 -19.71 26.00
CA LEU A 154 -7.78 -18.86 26.90
C LEU A 154 -6.97 -18.44 28.11
N GLU A 155 -6.18 -19.36 28.65
CA GLU A 155 -5.26 -19.03 29.77
C GLU A 155 -4.33 -17.85 29.45
N GLU A 156 -3.68 -17.93 28.30
CA GLU A 156 -2.71 -16.90 27.90
C GLU A 156 -3.33 -15.55 27.57
N ILE A 157 -4.52 -15.55 26.97
CA ILE A 157 -5.28 -14.31 26.78
C ILE A 157 -5.60 -13.69 28.15
N ARG A 158 -6.11 -14.52 29.07
CA ARG A 158 -6.37 -14.06 30.44
C ARG A 158 -5.15 -13.48 31.11
N ALA A 159 -4.06 -14.22 30.98
CA ALA A 159 -2.80 -13.82 31.58
C ALA A 159 -2.24 -12.51 31.00
N LYS A 160 -2.30 -12.37 29.68
CA LYS A 160 -1.60 -11.28 29.00
C LYS A 160 -2.46 -10.06 28.73
N GLN A 161 -3.78 -10.22 28.70
CA GLN A 161 -4.70 -9.14 28.34
C GLN A 161 -4.27 -8.45 27.01
N PRO A 162 -4.10 -9.26 25.96
CA PRO A 162 -3.62 -8.71 24.69
C PRO A 162 -4.66 -7.80 24.06
N ASP A 163 -4.20 -6.73 23.47
CA ASP A 163 -5.08 -5.74 22.86
C ASP A 163 -5.74 -6.24 21.57
N ILE A 164 -5.06 -7.17 20.89
CA ILE A 164 -5.54 -7.77 19.67
C ILE A 164 -5.28 -9.26 19.76
N VAL A 165 -6.30 -10.05 19.42
CA VAL A 165 -6.11 -11.48 19.24
C VAL A 165 -6.42 -11.84 17.80
N PHE A 166 -5.52 -12.64 17.23
CA PHE A 166 -5.62 -13.15 15.88
C PHE A 166 -6.03 -14.60 15.88
N VAL A 167 -7.06 -14.92 15.09
CA VAL A 167 -7.38 -16.29 14.79
C VAL A 167 -7.52 -16.42 13.29
N THR A 168 -6.70 -17.28 12.71
CA THR A 168 -6.75 -17.54 11.27
C THR A 168 -7.50 -18.84 11.04
N THR A 169 -8.56 -18.77 10.23
CA THR A 169 -9.39 -19.94 9.93
C THR A 169 -10.02 -19.85 8.53
N PRO A 170 -9.67 -20.77 7.62
CA PRO A 170 -8.69 -21.85 7.76
C PRO A 170 -7.28 -21.32 7.99
N ASN A 171 -6.48 -22.04 8.78
CA ASN A 171 -5.13 -21.59 9.11
C ASN A 171 -4.15 -21.90 7.97
N ASN A 172 -3.18 -21.01 7.81
CA ASN A 172 -2.03 -21.20 6.91
C ASN A 172 -0.79 -21.24 7.80
N PRO A 173 0.03 -22.30 7.69
CA PRO A 173 0.06 -23.41 6.72
C PRO A 173 -0.73 -24.68 7.02
N THR A 174 -1.49 -24.75 8.12
CA THR A 174 -2.01 -26.06 8.59
C THR A 174 -3.30 -26.49 7.91
N GLY A 175 -4.07 -25.52 7.46
CA GLY A 175 -5.35 -25.77 6.77
C GLY A 175 -6.53 -25.90 7.71
N ASP A 176 -6.23 -26.07 8.99
CA ASP A 176 -7.18 -26.29 10.06
C ASP A 176 -8.16 -25.13 10.26
N VAL A 177 -9.43 -25.47 10.45
CA VAL A 177 -10.43 -24.50 10.82
C VAL A 177 -10.67 -24.56 12.32
N THR A 178 -11.11 -23.44 12.87
CA THR A 178 -11.49 -23.35 14.27
C THR A 178 -13.00 -23.09 14.25
N SER A 179 -13.75 -23.83 15.08
CA SER A 179 -15.21 -23.69 15.14
C SER A 179 -15.61 -22.29 15.59
N LEU A 180 -16.83 -21.87 15.25
CA LEU A 180 -17.31 -20.58 15.71
C LEU A 180 -17.52 -20.57 17.22
N ASP A 181 -17.87 -21.72 17.79
CA ASP A 181 -18.00 -21.87 19.25
C ASP A 181 -16.70 -21.55 19.98
N ASP A 182 -15.61 -22.12 19.47
CA ASP A 182 -14.27 -21.81 19.99
C ASP A 182 -13.85 -20.37 19.75
N VAL A 183 -14.20 -19.83 18.58
CA VAL A 183 -13.93 -18.43 18.30
C VAL A 183 -14.63 -17.58 19.35
N GLU A 184 -15.91 -17.85 19.59
CA GLU A 184 -16.67 -17.07 20.58
C GLU A 184 -16.08 -17.11 21.97
N ARG A 185 -15.56 -18.27 22.34
CA ARG A 185 -14.86 -18.42 23.62
C ARG A 185 -13.67 -17.49 23.69
N ILE A 186 -12.90 -17.46 22.60
CA ILE A 186 -11.78 -16.56 22.47
C ILE A 186 -12.21 -15.11 22.54
N ILE A 187 -13.29 -14.77 21.84
CA ILE A 187 -13.80 -13.38 21.86
C ILE A 187 -14.17 -12.92 23.25
N ASN A 188 -14.90 -13.75 23.98
CA ASN A 188 -15.41 -13.39 25.30
C ASN A 188 -14.32 -13.13 26.33
N VAL A 189 -13.21 -13.87 26.24
CA VAL A 189 -12.07 -13.60 27.15
C VAL A 189 -11.15 -12.47 26.62
N ALA A 190 -11.12 -12.26 25.31
CA ALA A 190 -10.32 -11.16 24.70
C ALA A 190 -10.78 -9.76 25.14
N PRO A 191 -9.87 -8.93 25.71
CA PRO A 191 -10.34 -7.62 26.20
C PRO A 191 -10.44 -6.51 25.15
N GLY A 192 -9.72 -6.67 24.03
CA GLY A 192 -9.63 -5.59 23.04
C GLY A 192 -10.45 -5.89 21.81
N ILE A 193 -9.76 -6.26 20.73
CA ILE A 193 -10.43 -6.68 19.52
C ILE A 193 -9.91 -8.06 19.15
N VAL A 194 -10.67 -8.74 18.31
CA VAL A 194 -10.31 -10.05 17.76
C VAL A 194 -10.43 -9.95 16.24
N ILE A 195 -9.36 -10.28 15.54
CA ILE A 195 -9.32 -10.27 14.09
C ILE A 195 -9.40 -11.72 13.69
N VAL A 196 -10.47 -12.07 13.00
CA VAL A 196 -10.59 -13.41 12.49
C VAL A 196 -10.17 -13.33 11.04
N ASP A 197 -9.10 -14.05 10.69
CA ASP A 197 -8.53 -13.97 9.35
C ASP A 197 -9.07 -15.13 8.51
N GLU A 198 -9.99 -14.79 7.63
CA GLU A 198 -10.66 -15.73 6.73
C GLU A 198 -10.16 -15.58 5.29
N ALA A 199 -8.85 -15.41 5.13
CA ALA A 199 -8.19 -15.32 3.82
C ALA A 199 -8.55 -16.50 2.92
N TYR A 200 -8.60 -17.70 3.53
CA TYR A 200 -8.82 -18.94 2.81
C TYR A 200 -10.26 -19.50 2.90
N ALA A 201 -11.18 -18.69 3.41
CA ALA A 201 -12.54 -19.14 3.73
C ALA A 201 -13.34 -19.66 2.53
N GLU A 202 -13.09 -19.09 1.36
CA GLU A 202 -13.83 -19.45 0.15
C GLU A 202 -13.83 -20.95 -0.10
N PHE A 203 -12.74 -21.60 0.29
CA PHE A 203 -12.54 -23.04 0.05
C PHE A 203 -13.14 -23.92 1.14
N SER A 204 -13.74 -23.31 2.15
CA SER A 204 -14.24 -24.02 3.30
C SER A 204 -15.76 -24.08 3.30
N PRO A 205 -16.33 -25.23 3.68
CA PRO A 205 -17.79 -25.35 3.82
C PRO A 205 -18.35 -24.77 5.11
N SER A 206 -17.47 -24.44 6.05
CA SER A 206 -17.90 -24.00 7.38
C SER A 206 -18.36 -22.55 7.35
N PRO A 207 -19.29 -22.19 8.26
CA PRO A 207 -19.76 -20.80 8.26
C PRO A 207 -18.68 -19.76 8.65
N SER A 208 -18.92 -18.54 8.19
CA SER A 208 -18.03 -17.43 8.40
C SER A 208 -18.32 -16.76 9.72
N ALA A 209 -17.26 -16.26 10.36
CA ALA A 209 -17.38 -15.46 11.57
C ALA A 209 -18.12 -14.14 11.35
N THR A 210 -18.46 -13.83 10.10
CA THR A 210 -19.34 -12.67 9.87
C THR A 210 -20.69 -12.88 10.58
N THR A 211 -21.07 -14.15 10.78
CA THR A 211 -22.29 -14.49 11.50
C THR A 211 -22.25 -14.01 12.94
N LEU A 212 -21.05 -13.83 13.48
CA LEU A 212 -20.90 -13.40 14.88
C LEU A 212 -20.82 -11.89 15.04
N LEU A 213 -20.83 -11.15 13.94
CA LEU A 213 -20.62 -9.70 14.00
C LEU A 213 -21.69 -8.98 14.83
N GLU A 214 -22.96 -9.33 14.60
CA GLU A 214 -24.08 -8.70 15.32
C GLU A 214 -23.95 -8.79 16.83
N LYS A 215 -23.49 -9.96 17.29
CA LYS A 215 -23.35 -10.24 18.71
C LYS A 215 -22.15 -9.56 19.35
N TYR A 216 -21.06 -9.34 18.62
CA TYR A 216 -19.85 -8.80 19.21
C TYR A 216 -19.34 -7.58 18.45
N PRO A 217 -20.17 -6.52 18.38
CA PRO A 217 -19.86 -5.35 17.54
C PRO A 217 -18.60 -4.60 17.94
N THR A 218 -18.26 -4.59 19.22
CA THR A 218 -17.15 -3.79 19.71
C THR A 218 -15.81 -4.51 19.65
N LYS A 219 -15.84 -5.80 19.28
CA LYS A 219 -14.67 -6.66 19.40
C LYS A 219 -14.22 -7.27 18.07
N LEU A 220 -15.18 -7.70 17.24
CA LEU A 220 -14.88 -8.60 16.14
C LEU A 220 -14.67 -7.86 14.80
N VAL A 221 -13.57 -8.21 14.14
CA VAL A 221 -13.30 -7.81 12.75
C VAL A 221 -13.04 -9.09 12.01
N VAL A 222 -13.77 -9.29 10.91
CA VAL A 222 -13.50 -10.40 10.00
C VAL A 222 -12.73 -9.92 8.76
N SER A 223 -11.51 -10.46 8.60
CA SER A 223 -10.58 -10.07 7.54
C SER A 223 -10.66 -11.07 6.41
N ARG A 224 -10.64 -10.55 5.20
CA ARG A 224 -10.83 -11.36 3.99
C ARG A 224 -9.88 -10.87 2.88
N THR A 225 -9.69 -11.69 1.86
CA THR A 225 -8.94 -11.25 0.70
C THR A 225 -9.46 -11.86 -0.64
N MET A 226 -9.18 -11.17 -1.75
CA MET A 226 -9.49 -11.69 -3.07
C MET A 226 -8.33 -12.42 -3.74
N SER A 227 -7.15 -12.44 -3.13
CA SER A 227 -5.94 -12.85 -3.87
C SER A 227 -5.70 -14.36 -3.91
N LYS A 228 -6.46 -15.15 -3.13
CA LYS A 228 -6.33 -16.62 -3.16
C LYS A 228 -7.28 -17.28 -4.15
N ALA A 229 -8.46 -16.69 -4.31
CA ALA A 229 -9.54 -17.30 -5.11
C ALA A 229 -9.69 -16.58 -6.44
N PHE A 230 -9.64 -15.25 -6.43
CA PHE A 230 -9.77 -14.48 -7.65
C PHE A 230 -8.45 -14.34 -8.40
N ASP A 231 -8.55 -13.87 -9.63
CA ASP A 231 -7.39 -13.59 -10.47
C ASP A 231 -7.83 -12.54 -11.49
N PHE A 232 -7.32 -11.32 -11.33
CA PHE A 232 -7.80 -10.18 -12.10
C PHE A 232 -6.64 -9.27 -12.47
N ALA A 233 -5.96 -9.66 -13.55
CA ALA A 233 -4.87 -8.89 -14.14
C ALA A 233 -3.77 -8.58 -13.14
N GLY A 234 -3.53 -9.50 -12.21
CA GLY A 234 -2.54 -9.30 -11.14
C GLY A 234 -2.95 -8.20 -10.15
N GLY A 235 -4.24 -7.94 -10.04
CA GLY A 235 -4.79 -7.09 -8.99
C GLY A 235 -4.66 -7.81 -7.65
N ARG A 236 -4.68 -7.04 -6.57
CA ARG A 236 -4.72 -7.59 -5.22
C ARG A 236 -5.72 -6.75 -4.45
N LEU A 237 -6.39 -7.36 -3.47
CA LEU A 237 -7.35 -6.62 -2.66
C LEU A 237 -7.62 -7.35 -1.36
N GLY A 238 -7.26 -6.70 -0.26
CA GLY A 238 -7.64 -7.14 1.07
C GLY A 238 -8.82 -6.34 1.56
N TYR A 239 -9.66 -6.96 2.37
CA TYR A 239 -10.78 -6.22 2.95
C TYR A 239 -11.22 -6.76 4.30
N PHE A 240 -11.91 -5.94 5.06
CA PHE A 240 -12.53 -6.46 6.30
C PHE A 240 -14.03 -6.21 6.42
N VAL A 241 -14.67 -7.06 7.21
CA VAL A 241 -16.11 -6.92 7.48
C VAL A 241 -16.30 -6.68 8.98
N ALA A 242 -17.02 -5.63 9.33
CA ALA A 242 -17.19 -5.29 10.75
C ALA A 242 -18.34 -4.36 11.01
N ASN A 243 -18.58 -4.08 12.29
CA ASN A 243 -19.42 -2.96 12.68
C ASN A 243 -18.89 -1.66 12.03
N PRO A 244 -19.81 -0.78 11.59
CA PRO A 244 -19.41 0.48 10.96
C PRO A 244 -18.41 1.32 11.74
N ALA A 245 -18.46 1.21 13.07
CA ALA A 245 -17.52 1.98 13.92
C ALA A 245 -16.05 1.66 13.61
N PHE A 246 -15.79 0.44 13.13
CA PHE A 246 -14.44 0.04 12.73
C PHE A 246 -13.92 0.70 11.45
N ILE A 247 -14.83 1.03 10.55
CA ILE A 247 -14.50 1.80 9.36
C ILE A 247 -14.12 3.20 9.78
N ASP A 248 -14.88 3.79 10.70
CA ASP A 248 -14.52 5.10 11.25
C ASP A 248 -13.13 5.14 11.86
N ALA A 249 -12.77 4.05 12.53
CA ALA A 249 -11.50 3.94 13.21
C ALA A 249 -10.33 3.91 12.22
N VAL A 250 -10.41 3.05 11.20
CA VAL A 250 -9.29 2.89 10.28
C VAL A 250 -9.17 4.06 9.33
N MET A 251 -10.27 4.79 9.15
CA MET A 251 -10.24 6.07 8.47
C MET A 251 -9.30 7.08 9.11
N LEU A 252 -9.03 6.96 10.40
CA LEU A 252 -8.12 7.88 11.09
C LEU A 252 -6.64 7.60 10.81
N VAL A 253 -6.34 6.39 10.32
CA VAL A 253 -4.98 5.96 10.14
C VAL A 253 -4.65 5.64 8.69
N ARG A 254 -5.67 5.49 7.85
CA ARG A 254 -5.42 5.04 6.50
C ARG A 254 -4.75 6.17 5.70
N LEU A 255 -3.85 5.82 4.79
CA LEU A 255 -3.26 6.82 3.93
C LEU A 255 -4.29 7.26 2.91
N PRO A 256 -4.54 8.57 2.84
CA PRO A 256 -5.48 9.09 1.85
C PRO A 256 -5.13 8.61 0.44
N TYR A 257 -6.14 8.15 -0.29
CA TYR A 257 -5.96 7.66 -1.67
C TYR A 257 -5.03 6.46 -1.71
N HIS A 258 -5.08 5.64 -0.68
CA HIS A 258 -4.23 4.44 -0.57
C HIS A 258 -4.52 3.43 -1.68
N LEU A 259 -5.79 3.38 -2.07
CA LEU A 259 -6.28 2.46 -3.09
C LEU A 259 -6.57 3.26 -4.36
N SER A 260 -5.90 2.91 -5.45
CA SER A 260 -6.04 3.65 -6.72
C SER A 260 -7.34 3.31 -7.42
N ALA A 261 -7.83 4.24 -8.24
CA ALA A 261 -9.00 4.02 -9.08
C ALA A 261 -8.81 2.72 -9.88
N LEU A 262 -7.62 2.53 -10.39
CA LEU A 262 -7.30 1.33 -11.17
C LEU A 262 -7.54 0.06 -10.36
N SER A 263 -6.98 0.05 -9.16
CA SER A 263 -7.07 -1.08 -8.25
C SER A 263 -8.51 -1.39 -7.90
N GLN A 264 -9.26 -0.32 -7.59
CA GLN A 264 -10.68 -0.39 -7.28
C GLN A 264 -11.45 -0.95 -8.48
N ALA A 265 -11.36 -0.26 -9.62
CA ALA A 265 -11.97 -0.71 -10.88
C ALA A 265 -11.81 -2.21 -11.12
N ALA A 266 -10.56 -2.68 -11.04
CA ALA A 266 -10.24 -4.07 -11.37
C ALA A 266 -10.86 -5.06 -10.41
N ALA A 267 -10.90 -4.67 -9.13
CA ALA A 267 -11.49 -5.49 -8.10
C ALA A 267 -13.00 -5.59 -8.37
N ILE A 268 -13.61 -4.47 -8.72
CA ILE A 268 -15.03 -4.44 -9.08
C ILE A 268 -15.36 -5.37 -10.25
N VAL A 269 -14.50 -5.42 -11.26
CA VAL A 269 -14.71 -6.34 -12.36
C VAL A 269 -14.63 -7.79 -11.92
N ALA A 270 -13.58 -8.14 -11.15
CA ALA A 270 -13.50 -9.51 -10.59
C ALA A 270 -14.77 -9.86 -9.78
N LEU A 271 -15.27 -8.91 -9.00
CA LEU A 271 -16.43 -9.18 -8.14
C LEU A 271 -17.69 -9.46 -8.95
N ARG A 272 -17.88 -8.73 -10.05
CA ARG A 272 -19.07 -8.95 -10.87
C ARG A 272 -19.00 -10.24 -11.69
N HIS A 273 -17.84 -10.89 -11.76
CA HIS A 273 -17.73 -12.24 -12.34
C HIS A 273 -17.48 -13.33 -11.28
N SER A 274 -17.84 -13.06 -10.03
CA SER A 274 -17.56 -13.99 -8.92
C SER A 274 -18.10 -15.37 -9.17
N ALA A 275 -19.29 -15.42 -9.76
CA ALA A 275 -19.97 -16.70 -10.01
C ALA A 275 -19.05 -17.68 -10.72
N ASP A 276 -18.27 -17.16 -11.70
CA ASP A 276 -17.28 -17.99 -12.39
C ASP A 276 -16.17 -18.42 -11.45
N THR A 277 -15.74 -17.48 -10.61
CA THR A 277 -14.63 -17.75 -9.68
C THR A 277 -15.06 -18.79 -8.65
N LEU A 278 -16.27 -18.67 -8.14
CA LEU A 278 -16.77 -19.61 -7.15
C LEU A 278 -16.85 -21.06 -7.69
N GLY A 279 -17.10 -21.18 -9.00
CA GLY A 279 -17.09 -22.48 -9.63
C GLY A 279 -15.73 -23.13 -9.57
N THR A 280 -14.68 -22.36 -9.85
CA THR A 280 -13.31 -22.88 -9.78
C THR A 280 -12.85 -23.21 -8.35
N VAL A 281 -13.35 -22.48 -7.34
CA VAL A 281 -12.99 -22.77 -5.96
C VAL A 281 -13.66 -24.06 -5.50
N GLU A 282 -14.89 -24.28 -5.98
CA GLU A 282 -15.61 -25.54 -5.75
C GLU A 282 -14.73 -26.68 -6.24
N LYS A 283 -14.24 -26.54 -7.48
CA LYS A 283 -13.39 -27.55 -8.09
C LYS A 283 -12.07 -27.74 -7.35
N LEU A 284 -11.48 -26.66 -6.85
CA LEU A 284 -10.29 -26.78 -6.01
C LEU A 284 -10.58 -27.49 -4.66
N SER A 285 -11.75 -27.21 -4.09
CA SER A 285 -12.14 -27.80 -2.81
C SER A 285 -12.39 -29.31 -2.89
N VAL A 286 -13.00 -29.75 -4.00
CA VAL A 286 -13.22 -31.17 -4.24
C VAL A 286 -11.88 -31.90 -4.38
N GLU A 287 -10.99 -31.30 -5.18
CA GLU A 287 -9.65 -31.84 -5.37
C GLU A 287 -8.81 -31.93 -4.09
N ARG A 288 -9.03 -31.00 -3.15
CA ARG A 288 -8.33 -31.04 -1.86
C ARG A 288 -8.70 -32.30 -1.09
N VAL A 289 -10.01 -32.54 -0.95
CA VAL A 289 -10.50 -33.72 -0.26
C VAL A 289 -9.85 -35.00 -0.84
N ARG A 290 -9.65 -35.01 -2.16
CA ARG A 290 -9.05 -36.14 -2.84
C ARG A 290 -7.58 -36.29 -2.46
N VAL A 291 -6.82 -35.21 -2.69
CA VAL A 291 -5.37 -35.21 -2.44
C VAL A 291 -5.07 -35.63 -1.01
N ALA A 292 -5.82 -35.09 -0.06
CA ALA A 292 -5.66 -35.38 1.36
C ALA A 292 -5.90 -36.86 1.66
N ALA A 293 -7.03 -37.39 1.17
CA ALA A 293 -7.36 -38.80 1.37
C ALA A 293 -6.27 -39.71 0.83
N ARG A 294 -5.80 -39.43 -0.39
CA ARG A 294 -4.78 -40.25 -1.03
C ARG A 294 -3.41 -40.20 -0.33
N LEU A 295 -3.06 -39.03 0.22
CA LEU A 295 -1.86 -38.90 1.02
C LEU A 295 -1.93 -39.80 2.24
N GLU A 296 -3.11 -39.87 2.85
CA GLU A 296 -3.35 -40.72 4.01
C GLU A 296 -3.31 -42.21 3.64
N GLU A 297 -3.77 -42.56 2.45
CA GLU A 297 -3.62 -43.93 1.93
C GLU A 297 -2.13 -44.27 1.81
N LEU A 298 -1.37 -43.38 1.17
CA LEU A 298 0.09 -43.56 1.03
C LEU A 298 0.83 -43.63 2.37
N GLY A 299 0.17 -43.22 3.45
CA GLY A 299 0.73 -43.34 4.80
C GLY A 299 1.17 -42.00 5.43
N TYR A 300 0.93 -40.89 4.73
CA TYR A 300 1.27 -39.57 5.26
C TYR A 300 0.25 -39.15 6.31
N ALA A 301 0.73 -38.47 7.36
CA ALA A 301 -0.17 -37.84 8.33
C ALA A 301 -0.61 -36.49 7.77
N VAL A 302 -1.91 -36.30 7.59
CA VAL A 302 -2.44 -35.06 6.99
C VAL A 302 -3.42 -34.35 7.92
N VAL A 303 -3.15 -33.07 8.18
CA VAL A 303 -4.01 -32.25 9.02
C VAL A 303 -5.28 -31.97 8.22
N PRO A 304 -6.46 -32.19 8.85
CA PRO A 304 -7.72 -31.92 8.17
C PRO A 304 -7.78 -30.46 7.76
N SER A 305 -8.04 -30.24 6.48
CA SER A 305 -7.96 -28.90 5.90
C SER A 305 -9.26 -28.48 5.26
N GLU A 306 -9.50 -27.17 5.24
CA GLU A 306 -10.58 -26.59 4.45
C GLU A 306 -10.10 -25.37 3.67
N SER A 307 -8.82 -25.36 3.31
CA SER A 307 -8.22 -24.28 2.51
C SER A 307 -8.00 -24.76 1.06
N ASN A 308 -7.13 -24.09 0.31
CA ASN A 308 -6.69 -24.64 -0.97
C ASN A 308 -5.32 -25.28 -0.87
N PHE A 309 -5.02 -25.86 0.30
CA PHE A 309 -3.73 -26.49 0.51
C PHE A 309 -3.81 -27.59 1.55
N VAL A 310 -2.80 -28.45 1.53
CA VAL A 310 -2.70 -29.53 2.47
C VAL A 310 -1.35 -29.43 3.16
N PHE A 311 -1.34 -29.79 4.44
CA PHE A 311 -0.18 -29.71 5.28
C PHE A 311 0.06 -31.12 5.81
N PHE A 312 1.19 -31.70 5.44
CA PHE A 312 1.42 -33.13 5.62
C PHE A 312 2.85 -33.49 5.93
N GLY A 313 3.04 -34.69 6.45
CA GLY A 313 4.36 -35.30 6.41
C GLY A 313 4.67 -36.29 7.50
N ASP A 314 5.32 -35.78 8.55
CA ASP A 314 6.21 -36.54 9.42
C ASP A 314 7.39 -37.03 8.58
N PHE A 315 8.09 -36.06 7.97
CA PHE A 315 9.37 -36.34 7.33
C PHE A 315 10.45 -36.34 8.39
N SER A 316 11.57 -36.98 8.08
CA SER A 316 12.74 -36.97 8.94
C SER A 316 13.47 -35.66 8.73
N ASP A 317 13.70 -35.34 7.46
CA ASP A 317 14.31 -34.09 7.01
C ASP A 317 13.37 -33.61 5.92
N GLN A 318 12.56 -32.60 6.26
CA GLN A 318 11.46 -32.21 5.36
C GLN A 318 11.98 -31.36 4.23
N HIS A 319 13.09 -30.65 4.47
CA HIS A 319 13.72 -29.91 3.39
C HIS A 319 14.29 -30.87 2.34
N ALA A 320 14.81 -32.00 2.82
CA ALA A 320 15.28 -33.06 1.92
C ALA A 320 14.12 -33.55 1.05
N ALA A 321 12.98 -33.86 1.69
CA ALA A 321 11.75 -34.22 0.99
C ALA A 321 11.36 -33.15 -0.03
N TRP A 322 11.44 -31.88 0.38
CA TRP A 322 11.14 -30.78 -0.53
C TRP A 322 12.04 -30.83 -1.78
N GLN A 323 13.31 -31.11 -1.58
CA GLN A 323 14.24 -31.28 -2.71
C GLN A 323 13.84 -32.44 -3.63
N ALA A 324 13.48 -33.57 -3.02
CA ALA A 324 12.99 -34.75 -3.75
C ALA A 324 11.86 -34.38 -4.72
N PHE A 325 10.82 -33.72 -4.21
CA PHE A 325 9.69 -33.28 -5.03
C PHE A 325 10.16 -32.40 -6.19
N LEU A 326 11.03 -31.44 -5.89
CA LEU A 326 11.56 -30.53 -6.91
C LEU A 326 12.38 -31.26 -7.97
N ASP A 327 13.15 -32.27 -7.55
CA ASP A 327 13.89 -33.13 -8.49
C ASP A 327 12.95 -33.82 -9.50
N ARG A 328 11.73 -34.10 -9.06
CA ARG A 328 10.71 -34.69 -9.92
C ARG A 328 9.84 -33.63 -10.61
N GLY A 329 10.28 -32.37 -10.62
CA GLY A 329 9.61 -31.29 -11.34
C GLY A 329 8.39 -30.72 -10.62
N VAL A 330 8.32 -30.92 -9.31
CA VAL A 330 7.17 -30.49 -8.50
C VAL A 330 7.58 -29.55 -7.35
N LEU A 331 7.28 -28.27 -7.51
CA LEU A 331 7.58 -27.27 -6.49
C LEU A 331 6.42 -27.13 -5.51
N ILE A 332 6.60 -27.67 -4.30
CA ILE A 332 5.72 -27.38 -3.17
C ILE A 332 6.42 -26.40 -2.21
N ARG A 333 5.87 -26.17 -1.02
CA ARG A 333 6.45 -25.19 -0.08
C ARG A 333 6.97 -25.83 1.21
N ASP A 334 8.20 -25.45 1.56
CA ASP A 334 8.78 -25.72 2.86
C ASP A 334 8.57 -24.46 3.70
N VAL A 335 7.65 -24.55 4.66
CA VAL A 335 7.31 -23.42 5.53
C VAL A 335 8.16 -23.40 6.81
N GLY A 336 9.23 -24.19 6.82
CA GLY A 336 10.14 -24.22 7.97
C GLY A 336 9.56 -24.80 9.24
N ILE A 337 8.57 -25.68 9.08
CA ILE A 337 8.00 -26.36 10.22
C ILE A 337 8.48 -27.79 10.14
N ALA A 338 9.10 -28.24 11.23
CA ALA A 338 9.72 -29.55 11.27
C ALA A 338 8.74 -30.65 10.87
N GLY A 339 9.25 -31.60 10.10
CA GLY A 339 8.50 -32.78 9.70
C GLY A 339 7.39 -32.61 8.68
N HIS A 340 7.10 -31.38 8.25
CA HIS A 340 5.96 -31.13 7.38
C HIS A 340 6.27 -30.23 6.21
N LEU A 341 5.46 -30.38 5.16
CA LEU A 341 5.51 -29.54 3.98
C LEU A 341 4.08 -29.14 3.59
N ARG A 342 3.94 -28.03 2.86
CA ARG A 342 2.65 -27.56 2.39
C ARG A 342 2.53 -27.62 0.86
N THR A 343 1.61 -28.45 0.35
CA THR A 343 1.29 -28.46 -1.08
C THR A 343 -0.03 -27.74 -1.35
N THR A 344 -0.02 -26.74 -2.23
CA THR A 344 -1.27 -26.05 -2.58
C THR A 344 -1.93 -26.81 -3.72
N ILE A 345 -3.25 -26.88 -3.66
CA ILE A 345 -4.00 -27.65 -4.64
C ILE A 345 -4.02 -26.91 -5.97
N GLY A 346 -3.77 -27.65 -7.04
CA GLY A 346 -3.78 -27.10 -8.39
C GLY A 346 -4.82 -27.80 -9.25
N VAL A 347 -4.61 -27.74 -10.57
CA VAL A 347 -5.46 -28.49 -11.50
C VAL A 347 -5.20 -29.99 -11.29
N PRO A 348 -6.17 -30.85 -11.65
CA PRO A 348 -6.03 -32.29 -11.37
C PRO A 348 -4.76 -32.95 -11.89
N GLU A 349 -4.31 -32.59 -13.08
CA GLU A 349 -3.06 -33.15 -13.62
C GLU A 349 -1.90 -32.84 -12.68
N GLU A 350 -1.77 -31.56 -12.31
CA GLU A 350 -0.77 -31.14 -11.31
C GLU A 350 -0.94 -31.92 -10.01
N ASN A 351 -2.19 -32.11 -9.57
CA ASN A 351 -2.48 -32.82 -8.33
C ASN A 351 -2.05 -34.30 -8.35
N ASP A 352 -2.21 -34.95 -9.51
CA ASP A 352 -1.75 -36.34 -9.70
C ASP A 352 -0.23 -36.40 -9.79
N ALA A 353 0.35 -35.48 -10.55
CA ALA A 353 1.81 -35.34 -10.61
C ALA A 353 2.42 -35.19 -9.21
N PHE A 354 1.74 -34.44 -8.33
CA PHE A 354 2.18 -34.32 -6.95
C PHE A 354 2.04 -35.66 -6.21
N LEU A 355 0.89 -36.29 -6.38
CA LEU A 355 0.61 -37.57 -5.69
C LEU A 355 1.54 -38.69 -6.13
N ASP A 356 1.92 -38.70 -7.41
CA ASP A 356 2.95 -39.64 -7.90
C ASP A 356 4.22 -39.52 -7.07
N ALA A 357 4.85 -38.35 -7.14
CA ALA A 357 6.10 -38.10 -6.41
C ALA A 357 5.93 -38.40 -4.92
N ALA A 358 4.80 -38.00 -4.36
CA ALA A 358 4.47 -38.28 -2.97
C ALA A 358 4.54 -39.78 -2.66
N ALA A 359 4.08 -40.59 -3.61
CA ALA A 359 4.08 -42.05 -3.47
C ALA A 359 5.51 -42.58 -3.44
N GLU A 360 6.28 -42.22 -4.46
CA GLU A 360 7.70 -42.59 -4.53
C GLU A 360 8.47 -42.17 -3.27
N ILE A 361 8.20 -40.97 -2.79
CA ILE A 361 8.98 -40.37 -1.71
C ILE A 361 8.75 -41.02 -0.35
N ILE A 362 7.55 -41.51 -0.06
CA ILE A 362 7.22 -42.01 1.29
C ILE A 362 8.00 -43.25 1.76
N LYS A 363 8.71 -43.93 0.85
CA LYS A 363 9.55 -45.07 1.26
C LYS A 363 11.05 -44.76 1.28
N LEU A 364 11.47 -43.63 0.69
CA LEU A 364 12.88 -43.23 0.78
C LEU A 364 13.24 -42.80 2.21
N ASN A 365 14.52 -42.95 2.56
CA ASN A 365 15.07 -42.44 3.83
C ASN A 365 15.97 -41.25 3.50
N LEU A 366 15.33 -40.22 2.95
CA LEU A 366 15.99 -38.99 2.51
C LEU A 366 16.70 -38.31 3.67
N SER A 367 17.97 -37.96 3.47
CA SER A 367 18.66 -37.05 4.37
C SER A 367 19.66 -36.22 3.56
N ALA A 368 19.70 -34.92 3.83
CA ALA A 368 20.52 -33.99 3.09
C ALA A 368 20.98 -32.85 3.98
N TRP A 369 21.81 -33.19 4.98
CA TRP A 369 22.30 -32.19 5.92
C TRP A 369 23.13 -31.14 5.19
N SER A 370 23.03 -29.90 5.65
CA SER A 370 23.79 -28.82 5.06
C SER A 370 25.13 -28.69 5.78
N HIS A 371 26.07 -27.97 5.18
CA HIS A 371 27.22 -27.49 5.96
C HIS A 371 26.70 -26.53 7.03
N PRO A 372 27.40 -26.43 8.18
CA PRO A 372 26.97 -25.54 9.26
C PRO A 372 27.47 -24.12 9.02
N GLN A 373 27.11 -23.18 9.90
CA GLN A 373 27.49 -21.77 9.70
C GLN A 373 28.94 -21.50 10.07
N PHE A 374 29.73 -21.14 9.07
CA PHE A 374 31.09 -20.65 9.30
C PHE A 374 31.01 -19.13 9.50
N GLU A 375 31.55 -18.64 10.63
CA GLU A 375 31.51 -17.21 10.95
C GLU A 375 32.41 -16.37 10.01
N LYS B 3 -26.69 0.80 19.69
CA LYS B 3 -25.78 0.99 18.52
C LYS B 3 -24.55 1.82 18.88
N ILE B 4 -23.37 1.41 18.39
CA ILE B 4 -22.10 1.85 18.97
C ILE B 4 -21.42 2.94 18.13
N THR B 5 -20.63 3.81 18.81
CA THR B 5 -19.83 4.91 18.22
C THR B 5 -18.35 4.59 18.39
N LEU B 6 -17.50 5.50 17.90
CA LEU B 6 -16.05 5.36 18.00
C LEU B 6 -15.62 5.35 19.47
N SER B 7 -16.29 6.15 20.31
CA SER B 7 -16.00 6.20 21.76
C SER B 7 -16.06 4.84 22.44
N ASP B 8 -16.88 3.95 21.88
CA ASP B 8 -17.02 2.58 22.44
C ASP B 8 -15.89 1.61 22.06
N LEU B 9 -15.03 2.01 21.14
CA LEU B 9 -14.00 1.10 20.67
C LEU B 9 -12.69 1.46 21.38
N PRO B 10 -11.80 0.49 21.55
CA PRO B 10 -10.53 0.76 22.25
C PRO B 10 -9.50 1.46 21.35
N LEU B 11 -9.88 2.58 20.75
CA LEU B 11 -9.00 3.36 19.91
C LEU B 11 -7.87 3.87 20.79
N ARG B 12 -6.64 3.89 20.24
CA ARG B 12 -5.53 4.58 20.90
C ARG B 12 -6.02 6.00 21.23
N GLU B 13 -5.80 6.46 22.46
CA GLU B 13 -6.40 7.72 22.89
C GLU B 13 -5.84 8.96 22.17
N GLU B 14 -4.58 8.92 21.73
CA GLU B 14 -4.02 10.06 20.98
C GLU B 14 -4.71 10.25 19.62
N LEU B 15 -5.36 9.21 19.11
CA LEU B 15 -6.09 9.30 17.84
C LEU B 15 -7.48 9.92 17.97
N ARG B 16 -7.96 10.11 19.21
CA ARG B 16 -9.22 10.82 19.45
C ARG B 16 -9.05 12.34 19.33
N VAL B 28 -18.49 21.22 -10.79
CA VAL B 28 -18.83 21.94 -12.02
C VAL B 28 -17.80 21.67 -13.16
N ASP B 29 -17.68 22.59 -14.11
CA ASP B 29 -17.15 22.29 -15.45
C ASP B 29 -15.62 22.41 -15.63
N ILE B 30 -15.03 23.56 -15.26
CA ILE B 30 -13.57 23.73 -15.37
C ILE B 30 -12.92 23.75 -13.98
N ARG B 31 -12.16 22.69 -13.69
CA ARG B 31 -11.64 22.39 -12.37
C ARG B 31 -10.10 22.49 -12.36
N LEU B 32 -9.59 23.52 -11.70
CA LEU B 32 -8.16 23.80 -11.62
C LEU B 32 -7.73 23.80 -10.15
N ASN B 33 -8.12 22.72 -9.45
CA ASN B 33 -8.00 22.60 -8.00
C ASN B 33 -7.17 21.41 -7.51
N THR B 34 -6.99 20.39 -8.35
CA THR B 34 -6.12 19.27 -8.03
C THR B 34 -4.95 19.30 -9.01
N ASN B 35 -3.74 19.10 -8.49
CA ASN B 35 -2.52 19.36 -9.27
C ASN B 35 -2.17 18.22 -10.25
N GLU B 36 -3.09 17.91 -11.16
CA GLU B 36 -2.93 16.78 -12.08
C GLU B 36 -2.88 17.21 -13.54
N ASN B 37 -2.32 16.35 -14.37
CA ASN B 37 -2.19 16.59 -15.82
C ASN B 37 -3.57 16.44 -16.50
N PRO B 38 -4.08 17.54 -17.08
CA PRO B 38 -5.41 17.50 -17.68
C PRO B 38 -5.43 16.89 -19.09
N TYR B 39 -4.25 16.72 -19.70
CA TYR B 39 -4.18 16.26 -21.08
C TYR B 39 -4.51 14.77 -21.23
N PRO B 40 -5.27 14.41 -22.29
CA PRO B 40 -5.58 13.02 -22.56
C PRO B 40 -4.35 12.16 -22.79
N PRO B 41 -4.45 10.86 -22.51
CA PRO B 41 -3.32 9.99 -22.77
C PRO B 41 -3.20 9.67 -24.25
N SER B 42 -2.01 9.28 -24.68
CA SER B 42 -1.75 9.01 -26.08
C SER B 42 -2.38 7.69 -26.49
N GLU B 43 -2.86 7.64 -27.72
CA GLU B 43 -3.46 6.43 -28.28
C GLU B 43 -2.53 5.21 -28.09
N ALA B 44 -1.25 5.44 -28.29
CA ALA B 44 -0.24 4.39 -28.09
C ALA B 44 -0.13 3.93 -26.63
N LEU B 45 -0.28 4.88 -25.70
CA LEU B 45 -0.32 4.52 -24.29
C LEU B 45 -1.52 3.60 -24.04
N VAL B 46 -2.73 4.11 -24.28
CA VAL B 46 -3.95 3.31 -24.09
C VAL B 46 -3.84 1.93 -24.74
N ALA B 47 -3.40 1.90 -25.99
CA ALA B 47 -3.24 0.65 -26.74
C ALA B 47 -2.32 -0.32 -26.02
N ASP B 48 -1.19 0.19 -25.56
CA ASP B 48 -0.22 -0.62 -24.80
C ASP B 48 -0.82 -1.07 -23.46
N LEU B 49 -1.61 -0.20 -22.83
CA LEU B 49 -2.23 -0.48 -21.54
C LEU B 49 -3.17 -1.66 -21.68
N VAL B 50 -4.14 -1.54 -22.60
CA VAL B 50 -5.17 -2.57 -22.79
C VAL B 50 -4.58 -3.91 -23.21
N ALA B 51 -3.53 -3.86 -24.03
CA ALA B 51 -2.86 -5.07 -24.47
C ALA B 51 -2.05 -5.70 -23.34
N THR B 52 -1.49 -4.87 -22.46
CA THR B 52 -0.74 -5.37 -21.30
C THR B 52 -1.68 -5.98 -20.25
N VAL B 53 -2.79 -5.30 -19.94
CA VAL B 53 -3.76 -5.88 -19.02
C VAL B 53 -4.30 -7.22 -19.56
N ASP B 54 -4.66 -7.25 -20.85
CA ASP B 54 -5.15 -8.48 -21.49
C ASP B 54 -4.15 -9.62 -21.31
N LYS B 55 -2.90 -9.33 -21.59
CA LYS B 55 -1.85 -10.32 -21.41
C LYS B 55 -1.71 -10.73 -19.93
N ILE B 56 -1.70 -9.76 -19.02
CA ILE B 56 -1.58 -10.05 -17.59
C ILE B 56 -2.85 -10.71 -17.04
N ALA B 57 -4.01 -10.29 -17.56
CA ALA B 57 -5.32 -10.80 -17.12
C ALA B 57 -5.44 -12.27 -17.46
N THR B 58 -5.21 -12.60 -18.74
CA THR B 58 -4.95 -13.99 -19.11
C THR B 58 -3.75 -14.33 -18.25
N GLU B 59 -3.61 -15.59 -17.85
CA GLU B 59 -2.64 -15.91 -16.81
C GLU B 59 -1.68 -16.99 -17.30
N LEU B 60 -0.47 -16.56 -17.65
CA LEU B 60 0.56 -17.51 -18.11
C LEU B 60 1.29 -18.10 -16.90
N ASP B 67 10.55 -7.98 -5.95
CA ASP B 67 10.39 -6.64 -5.36
C ASP B 67 10.39 -5.56 -6.45
N ALA B 68 9.47 -5.69 -7.41
CA ALA B 68 9.23 -4.69 -8.44
C ALA B 68 10.50 -4.34 -9.23
N VAL B 69 11.31 -5.36 -9.53
CA VAL B 69 12.57 -5.21 -10.27
C VAL B 69 12.39 -4.50 -11.61
N GLU B 70 11.42 -4.97 -12.40
CA GLU B 70 11.19 -4.41 -13.74
C GLU B 70 10.74 -2.96 -13.65
N LEU B 71 9.80 -2.67 -12.75
CA LEU B 71 9.33 -1.30 -12.55
C LEU B 71 10.47 -0.38 -12.13
N ARG B 72 11.33 -0.86 -11.25
CA ARG B 72 12.48 -0.08 -10.81
C ARG B 72 13.54 0.17 -11.91
N ASP B 73 13.74 -0.78 -12.81
CA ASP B 73 14.57 -0.57 -14.02
C ASP B 73 14.00 0.60 -14.82
N GLU B 74 12.69 0.55 -15.03
CA GLU B 74 11.99 1.57 -15.79
C GLU B 74 12.00 2.93 -15.13
N LEU B 75 11.84 2.94 -13.81
CA LEU B 75 11.91 4.18 -13.07
C LEU B 75 13.32 4.75 -13.06
N ALA B 76 14.33 3.88 -12.97
CA ALA B 76 15.70 4.33 -13.04
C ALA B 76 16.01 4.94 -14.43
N ALA B 77 15.52 4.31 -15.49
CA ALA B 77 15.68 4.79 -16.87
C ALA B 77 15.03 6.18 -17.00
N TYR B 78 13.78 6.29 -16.50
CA TYR B 78 13.07 7.55 -16.56
C TYR B 78 13.84 8.68 -15.86
N ILE B 79 14.38 8.38 -14.69
CA ILE B 79 15.12 9.38 -13.91
C ILE B 79 16.46 9.70 -14.52
N THR B 80 17.14 8.71 -15.08
CA THR B 80 18.42 8.98 -15.77
C THR B 80 18.21 10.00 -16.88
N LYS B 81 17.24 9.74 -17.75
CA LYS B 81 16.95 10.68 -18.85
C LYS B 81 16.37 12.00 -18.39
N GLN B 82 15.54 11.99 -17.33
CA GLN B 82 14.98 13.26 -16.82
C GLN B 82 15.96 14.12 -16.08
N THR B 83 16.78 13.51 -15.22
CA THR B 83 17.69 14.27 -14.37
C THR B 83 19.12 14.35 -14.95
N GLY B 84 19.47 13.43 -15.86
CA GLY B 84 20.84 13.34 -16.37
C GLY B 84 21.81 12.60 -15.44
N VAL B 85 21.30 12.10 -14.30
CA VAL B 85 22.11 11.37 -13.34
C VAL B 85 21.89 9.90 -13.61
N ALA B 86 22.96 9.17 -13.86
CA ALA B 86 22.86 7.78 -14.24
C ALA B 86 22.60 6.96 -12.98
N VAL B 87 21.43 6.34 -12.93
CA VAL B 87 21.03 5.44 -11.84
C VAL B 87 20.51 4.10 -12.40
N THR B 88 20.48 3.10 -11.52
CA THR B 88 19.96 1.80 -11.81
C THR B 88 18.79 1.47 -10.85
N ARG B 89 18.24 0.27 -11.01
CA ARG B 89 17.17 -0.19 -10.14
C ARG B 89 17.60 -0.28 -8.68
N ASP B 90 18.91 -0.36 -8.44
CA ASP B 90 19.44 -0.39 -7.09
C ASP B 90 19.25 0.91 -6.32
N ASN B 91 19.12 2.02 -7.05
CA ASN B 91 18.85 3.33 -6.45
C ASN B 91 17.37 3.66 -6.34
N LEU B 92 16.53 2.76 -6.85
CA LEU B 92 15.11 3.04 -6.96
C LEU B 92 14.20 2.17 -6.12
N TRP B 93 13.20 2.83 -5.55
CA TRP B 93 12.20 2.18 -4.69
C TRP B 93 10.78 2.69 -4.94
N ALA B 94 9.87 1.80 -5.21
CA ALA B 94 8.51 2.16 -5.55
C ALA B 94 7.51 1.75 -4.46
N ALA B 95 6.47 2.55 -4.30
CA ALA B 95 5.33 2.20 -3.48
C ALA B 95 4.03 2.70 -4.13
N ASN B 96 2.89 2.36 -3.49
CA ASN B 96 1.58 2.71 -4.02
C ASN B 96 1.32 4.19 -4.19
N GLY B 97 2.07 5.02 -3.48
CA GLY B 97 1.90 6.47 -3.54
C GLY B 97 2.99 7.14 -2.73
N SER B 98 3.07 8.47 -2.84
CA SER B 98 4.05 9.27 -2.11
C SER B 98 3.93 9.17 -0.60
N ASN B 99 2.68 9.16 -0.13
CA ASN B 99 2.38 9.00 1.29
C ASN B 99 2.93 7.69 1.82
N GLU B 100 2.85 6.64 1.00
CA GLU B 100 3.34 5.34 1.36
C GLU B 100 4.86 5.31 1.35
N ILE B 101 5.50 5.94 0.36
CA ILE B 101 6.98 6.15 0.33
C ILE B 101 7.43 6.82 1.63
N LEU B 102 6.77 7.91 1.98
CA LEU B 102 7.10 8.66 3.20
C LEU B 102 6.82 7.88 4.47
N GLN B 103 5.72 7.14 4.49
CA GLN B 103 5.42 6.29 5.63
C GLN B 103 6.58 5.34 5.86
N GLN B 104 7.01 4.66 4.81
CA GLN B 104 8.09 3.67 4.93
C GLN B 104 9.39 4.28 5.45
N LEU B 105 9.73 5.46 4.93
CA LEU B 105 10.96 6.13 5.35
C LEU B 105 10.87 6.56 6.83
N LEU B 106 9.70 7.01 7.25
CA LEU B 106 9.47 7.40 8.64
C LEU B 106 9.51 6.19 9.58
N GLN B 107 9.01 5.06 9.11
CA GLN B 107 9.12 3.82 9.84
C GLN B 107 10.57 3.39 10.05
N ALA B 108 11.41 3.55 9.03
CA ALA B 108 12.82 3.10 9.10
C ALA B 108 13.71 4.12 9.81
N PHE B 109 13.42 5.40 9.63
CA PHE B 109 14.30 6.46 10.07
C PHE B 109 13.70 7.49 11.06
N GLY B 110 12.39 7.39 11.29
CA GLY B 110 11.69 8.29 12.19
C GLY B 110 11.12 7.48 13.33
N GLY B 111 9.84 7.71 13.65
CA GLY B 111 9.11 6.86 14.59
C GLY B 111 9.29 7.29 16.04
N PRO B 112 8.90 6.42 16.99
CA PRO B 112 8.96 6.73 18.44
C PRO B 112 10.29 7.30 18.92
N GLY B 113 10.22 8.44 19.60
CA GLY B 113 11.43 9.12 20.10
C GLY B 113 12.21 9.94 19.07
N ARG B 114 11.75 9.96 17.81
CA ARG B 114 12.42 10.68 16.73
C ARG B 114 11.53 11.78 16.18
N THR B 115 12.16 12.73 15.50
CA THR B 115 11.49 13.91 14.97
C THR B 115 11.74 14.11 13.47
N ALA B 116 10.79 14.78 12.81
CA ALA B 116 10.92 15.23 11.42
C ALA B 116 10.57 16.69 11.35
N LEU B 117 11.44 17.47 10.70
CA LEU B 117 11.31 18.92 10.62
C LEU B 117 11.05 19.32 9.17
N GLY B 118 10.09 20.21 8.97
CA GLY B 118 9.69 20.68 7.66
C GLY B 118 9.44 22.15 7.70
N PHE B 119 9.21 22.75 6.54
CA PHE B 119 9.09 24.22 6.41
C PHE B 119 7.73 24.58 5.89
N GLN B 120 7.03 25.44 6.60
CA GLN B 120 5.64 25.73 6.28
C GLN B 120 5.49 27.01 5.50
N PRO B 121 4.48 27.05 4.60
CA PRO B 121 3.49 26.01 4.34
C PRO B 121 3.99 24.91 3.39
N SER B 122 3.73 23.65 3.74
CA SER B 122 4.02 22.50 2.86
C SER B 122 2.95 21.40 2.99
N TYR B 123 2.67 20.70 1.89
CA TYR B 123 1.69 19.61 1.89
C TYR B 123 2.31 18.23 2.09
N SER B 124 3.64 18.16 2.11
CA SER B 124 4.35 16.87 2.14
C SER B 124 4.22 16.13 3.45
N MET B 125 4.30 16.86 4.55
CA MET B 125 4.26 16.26 5.86
C MET B 125 2.80 16.19 6.36
N HIS B 126 2.03 15.31 5.74
CA HIS B 126 0.65 15.05 6.14
C HIS B 126 0.55 14.58 7.61
N PRO B 127 -0.39 15.16 8.39
CA PRO B 127 -0.49 14.80 9.84
C PRO B 127 -0.74 13.33 10.11
N ILE B 128 -1.46 12.66 9.21
CA ILE B 128 -1.70 11.23 9.37
C ILE B 128 -0.41 10.42 9.35
N LEU B 129 0.64 10.91 8.67
CA LEU B 129 1.95 10.25 8.70
C LEU B 129 2.59 10.26 10.09
N ALA B 130 2.58 11.40 10.75
CA ALA B 130 3.08 11.50 12.13
C ALA B 130 2.37 10.48 13.05
N LYS B 131 1.04 10.46 12.98
CA LYS B 131 0.24 9.66 13.89
C LYS B 131 0.43 8.20 13.66
N GLY B 132 0.47 7.80 12.39
CA GLY B 132 0.60 6.40 12.06
C GLY B 132 1.97 5.85 12.33
N THR B 133 2.99 6.70 12.20
CA THR B 133 4.37 6.27 12.40
C THR B 133 4.91 6.63 13.80
N HIS B 134 4.17 7.48 14.53
CA HIS B 134 4.57 7.97 15.87
C HIS B 134 5.83 8.85 15.82
N THR B 135 5.94 9.59 14.71
CA THR B 135 7.02 10.54 14.53
C THR B 135 6.48 11.89 14.91
N GLU B 136 7.25 12.64 15.70
CA GLU B 136 6.89 13.99 16.02
C GLU B 136 7.35 14.90 14.91
N PHE B 137 6.41 15.69 14.37
CA PHE B 137 6.67 16.67 13.35
C PHE B 137 6.93 18.06 13.96
N ILE B 138 8.00 18.70 13.48
CA ILE B 138 8.39 20.05 13.86
C ILE B 138 8.23 20.91 12.61
N ALA B 139 7.65 22.10 12.81
CA ALA B 139 7.42 23.05 11.73
C ALA B 139 8.27 24.30 11.93
N VAL B 140 8.86 24.78 10.83
CA VAL B 140 9.63 26.01 10.80
C VAL B 140 9.04 26.83 9.66
N SER B 141 8.68 28.09 9.94
CA SER B 141 7.98 28.89 8.96
C SER B 141 8.94 29.32 7.86
N ARG B 142 8.47 29.26 6.61
CA ARG B 142 9.16 29.98 5.56
C ARG B 142 9.12 31.49 5.83
N GLY B 143 9.84 32.25 5.01
CA GLY B 143 9.96 33.70 5.18
C GLY B 143 8.79 34.39 4.51
N ALA B 144 8.70 35.71 4.70
CA ALA B 144 7.62 36.53 4.15
C ALA B 144 7.43 36.39 2.65
N ASP B 145 8.50 35.98 1.97
CA ASP B 145 8.47 35.77 0.53
C ASP B 145 8.07 34.35 0.16
N PHE B 146 7.66 33.57 1.16
CA PHE B 146 7.30 32.16 0.97
C PHE B 146 8.47 31.27 0.62
N ARG B 147 9.69 31.80 0.69
CA ARG B 147 10.91 31.04 0.47
C ARG B 147 11.52 30.57 1.80
N ILE B 148 12.27 29.49 1.79
CA ILE B 148 12.95 29.04 2.99
C ILE B 148 13.90 30.14 3.46
N ASP B 149 13.78 30.50 4.73
CA ASP B 149 14.68 31.46 5.37
C ASP B 149 15.87 30.68 5.96
N MET B 150 17.01 30.82 5.30
CA MET B 150 18.12 29.88 5.53
C MET B 150 18.78 30.05 6.89
N ASP B 151 18.75 31.28 7.41
CA ASP B 151 19.32 31.54 8.72
C ASP B 151 18.48 30.81 9.76
N VAL B 152 17.15 30.99 9.74
CA VAL B 152 16.28 30.24 10.67
C VAL B 152 16.42 28.72 10.41
N ALA B 153 16.34 28.31 9.15
CA ALA B 153 16.39 26.88 8.79
C ALA B 153 17.56 26.19 9.44
N LEU B 154 18.75 26.70 9.20
CA LEU B 154 19.97 26.07 9.70
C LEU B 154 20.12 26.18 11.22
N GLU B 155 19.70 27.32 11.79
CA GLU B 155 19.66 27.46 13.26
C GLU B 155 18.76 26.38 13.93
N GLU B 156 17.54 26.22 13.44
CA GLU B 156 16.58 25.24 14.01
C GLU B 156 17.05 23.79 13.88
N ILE B 157 17.55 23.43 12.70
CA ILE B 157 18.10 22.10 12.47
C ILE B 157 19.26 21.84 13.42
N ARG B 158 20.15 22.83 13.59
CA ARG B 158 21.24 22.68 14.57
C ARG B 158 20.73 22.63 16.00
N ALA B 159 19.72 23.45 16.33
CA ALA B 159 19.10 23.43 17.66
C ALA B 159 18.45 22.05 17.92
N LYS B 160 17.57 21.63 17.03
CA LYS B 160 16.63 20.52 17.28
C LYS B 160 17.19 19.15 16.97
N GLN B 161 18.27 19.10 16.19
CA GLN B 161 18.88 17.82 15.77
C GLN B 161 17.85 16.80 15.25
N PRO B 162 17.03 17.23 14.28
CA PRO B 162 15.93 16.41 13.81
C PRO B 162 16.46 15.22 13.02
N ASP B 163 15.78 14.09 13.18
CA ASP B 163 16.25 12.83 12.59
C ASP B 163 16.01 12.82 11.09
N ILE B 164 15.01 13.59 10.67
CA ILE B 164 14.63 13.74 9.27
C ILE B 164 14.34 15.22 9.01
N VAL B 165 14.86 15.74 7.91
CA VAL B 165 14.51 17.06 7.42
C VAL B 165 13.87 16.88 6.07
N PHE B 166 12.72 17.55 5.87
CA PHE B 166 12.00 17.60 4.63
C PHE B 166 12.24 18.92 3.92
N VAL B 167 12.56 18.84 2.64
CA VAL B 167 12.60 20.00 1.78
C VAL B 167 11.81 19.67 0.55
N THR B 168 10.75 20.43 0.30
CA THR B 168 9.94 20.22 -0.89
C THR B 168 10.31 21.26 -1.94
N THR B 169 10.59 20.81 -3.15
CA THR B 169 11.03 21.71 -4.21
C THR B 169 10.74 21.09 -5.60
N PRO B 170 9.84 21.73 -6.39
CA PRO B 170 9.04 22.91 -6.07
C PRO B 170 8.05 22.65 -4.95
N ASN B 171 7.85 23.66 -4.13
CA ASN B 171 6.97 23.58 -2.97
C ASN B 171 5.47 23.65 -3.35
N ASN B 172 4.66 22.89 -2.61
CA ASN B 172 3.21 22.94 -2.65
C ASN B 172 2.77 23.47 -1.27
N PRO B 173 1.96 24.54 -1.24
CA PRO B 173 1.24 25.23 -2.30
C PRO B 173 1.95 26.38 -2.98
N THR B 174 3.18 26.69 -2.60
CA THR B 174 3.75 28.00 -3.02
C THR B 174 4.38 28.01 -4.42
N GLY B 175 4.82 26.84 -4.88
CA GLY B 175 5.49 26.70 -6.20
C GLY B 175 6.97 27.03 -6.19
N ASP B 176 7.45 27.54 -5.06
CA ASP B 176 8.83 27.99 -4.87
C ASP B 176 9.82 26.81 -4.93
N VAL B 177 10.91 27.01 -5.68
CA VAL B 177 12.03 26.08 -5.71
C VAL B 177 13.14 26.59 -4.80
N THR B 178 13.87 25.65 -4.20
CA THR B 178 15.02 25.98 -3.37
C THR B 178 16.25 25.52 -4.15
N SER B 179 17.28 26.36 -4.21
CA SER B 179 18.49 26.07 -4.99
C SER B 179 19.23 24.87 -4.40
N LEU B 180 20.02 24.19 -5.24
CA LEU B 180 20.79 23.03 -4.77
C LEU B 180 21.87 23.43 -3.79
N ASP B 181 22.41 24.64 -3.95
CA ASP B 181 23.37 25.20 -2.99
C ASP B 181 22.75 25.30 -1.58
N ASP B 182 21.54 25.81 -1.50
CA ASP B 182 20.82 25.89 -0.22
C ASP B 182 20.46 24.49 0.33
N VAL B 183 20.02 23.60 -0.56
CA VAL B 183 19.74 22.23 -0.18
C VAL B 183 20.96 21.56 0.44
N GLU B 184 22.13 21.75 -0.18
CA GLU B 184 23.39 21.22 0.34
C GLU B 184 23.73 21.77 1.72
N ARG B 185 23.44 23.05 1.92
CA ARG B 185 23.59 23.68 3.23
C ARG B 185 22.78 22.92 4.29
N ILE B 186 21.51 22.70 3.96
CA ILE B 186 20.54 21.99 4.83
C ILE B 186 21.03 20.56 5.10
N ILE B 187 21.50 19.87 4.06
CA ILE B 187 22.01 18.48 4.22
C ILE B 187 23.19 18.38 5.16
N ASN B 188 24.13 19.29 5.02
CA ASN B 188 25.33 19.33 5.83
C ASN B 188 25.12 19.56 7.31
N VAL B 189 24.12 20.36 7.67
CA VAL B 189 23.82 20.58 9.09
C VAL B 189 22.90 19.49 9.63
N ALA B 190 22.08 18.89 8.77
CA ALA B 190 21.14 17.80 9.14
C ALA B 190 21.88 16.57 9.64
N PRO B 191 21.57 16.13 10.89
CA PRO B 191 22.32 15.00 11.44
C PRO B 191 21.87 13.60 10.98
N GLY B 192 20.64 13.47 10.48
CA GLY B 192 20.07 12.15 10.15
C GLY B 192 19.96 11.93 8.64
N ILE B 193 18.74 11.98 8.13
CA ILE B 193 18.50 11.93 6.68
C ILE B 193 17.78 13.20 6.27
N VAL B 194 17.78 13.45 4.96
CA VAL B 194 17.05 14.55 4.36
C VAL B 194 16.27 13.97 3.20
N ILE B 195 14.97 14.28 3.19
CA ILE B 195 14.09 13.85 2.11
C ILE B 195 13.82 15.07 1.30
N VAL B 196 14.30 15.09 0.05
CA VAL B 196 13.95 16.18 -0.85
C VAL B 196 12.78 15.71 -1.67
N ASP B 197 11.67 16.44 -1.55
CA ASP B 197 10.44 16.04 -2.20
C ASP B 197 10.27 16.79 -3.51
N GLU B 198 10.47 16.06 -4.61
CA GLU B 198 10.42 16.62 -5.97
C GLU B 198 9.19 16.09 -6.73
N ALA B 199 8.05 16.02 -6.01
CA ALA B 199 6.76 15.62 -6.58
C ALA B 199 6.45 16.41 -7.82
N TYR B 200 6.77 17.71 -7.80
CA TYR B 200 6.42 18.63 -8.87
C TYR B 200 7.60 18.99 -9.78
N ALA B 201 8.70 18.22 -9.67
CA ALA B 201 9.97 18.55 -10.36
C ALA B 201 9.89 18.50 -11.89
N GLU B 202 9.05 17.63 -12.43
CA GLU B 202 8.86 17.53 -13.88
C GLU B 202 8.61 18.88 -14.58
N PHE B 203 7.90 19.78 -13.89
CA PHE B 203 7.49 21.07 -14.43
C PHE B 203 8.55 22.15 -14.29
N SER B 204 9.69 21.81 -13.70
CA SER B 204 10.72 22.80 -13.38
C SER B 204 11.93 22.65 -14.29
N PRO B 205 12.53 23.78 -14.72
CA PRO B 205 13.76 23.71 -15.48
C PRO B 205 15.00 23.47 -14.64
N SER B 206 14.90 23.60 -13.31
CA SER B 206 16.07 23.56 -12.44
C SER B 206 16.55 22.12 -12.20
N PRO B 207 17.83 21.95 -11.87
CA PRO B 207 18.34 20.58 -11.72
C PRO B 207 17.81 19.84 -10.49
N SER B 208 17.76 18.52 -10.61
CA SER B 208 17.25 17.66 -9.55
C SER B 208 18.32 17.49 -8.49
N ALA B 209 17.89 17.33 -7.24
CA ALA B 209 18.74 16.92 -6.16
C ALA B 209 19.31 15.49 -6.31
N THR B 210 18.86 14.74 -7.31
CA THR B 210 19.50 13.47 -7.63
C THR B 210 21.00 13.70 -7.97
N THR B 211 21.33 14.90 -8.46
CA THR B 211 22.71 15.30 -8.76
C THR B 211 23.58 15.35 -7.51
N LEU B 212 22.95 15.41 -6.34
CA LEU B 212 23.67 15.47 -5.06
C LEU B 212 23.82 14.12 -4.37
N LEU B 213 23.23 13.06 -4.92
CA LEU B 213 23.23 11.76 -4.26
C LEU B 213 24.63 11.18 -4.04
N GLU B 214 25.48 11.27 -5.07
CA GLU B 214 26.86 10.74 -5.02
C GLU B 214 27.62 11.33 -3.86
N LYS B 215 27.39 12.61 -3.59
CA LYS B 215 28.09 13.32 -2.54
C LYS B 215 27.54 13.09 -1.13
N TYR B 216 26.26 12.81 -1.03
CA TYR B 216 25.63 12.66 0.28
C TYR B 216 24.90 11.32 0.43
N PRO B 217 25.62 10.21 0.19
CA PRO B 217 25.00 8.91 0.09
C PRO B 217 24.31 8.43 1.38
N THR B 218 24.81 8.84 2.55
CA THR B 218 24.26 8.37 3.82
C THR B 218 23.08 9.20 4.31
N LYS B 219 22.76 10.29 3.60
CA LYS B 219 21.83 11.29 4.08
C LYS B 219 20.63 11.58 3.16
N LEU B 220 20.88 11.59 1.85
CA LEU B 220 19.92 12.14 0.91
C LEU B 220 19.03 11.09 0.27
N VAL B 221 17.73 11.39 0.32
CA VAL B 221 16.71 10.64 -0.37
C VAL B 221 15.92 11.63 -1.22
N VAL B 222 15.81 11.34 -2.51
CA VAL B 222 14.97 12.16 -3.40
C VAL B 222 13.66 11.48 -3.74
N SER B 223 12.58 12.13 -3.34
CA SER B 223 11.24 11.55 -3.39
C SER B 223 10.51 12.09 -4.61
N ARG B 224 9.83 11.20 -5.34
CA ARG B 224 9.21 11.57 -6.60
C ARG B 224 7.81 10.93 -6.70
N THR B 225 7.01 11.40 -7.65
CA THR B 225 5.71 10.76 -7.93
C THR B 225 5.33 10.81 -9.42
N MET B 226 4.57 9.81 -9.87
CA MET B 226 4.00 9.82 -11.23
C MET B 226 2.62 10.46 -11.29
N SER B 227 2.06 10.85 -10.14
CA SER B 227 0.64 11.18 -10.08
C SER B 227 0.29 12.61 -10.53
N LYS B 228 1.30 13.46 -10.70
CA LYS B 228 1.05 14.83 -11.13
C LYS B 228 1.25 15.01 -12.64
N ALA B 229 2.12 14.21 -13.24
CA ALA B 229 2.48 14.35 -14.66
C ALA B 229 1.86 13.26 -15.50
N PHE B 230 1.88 12.05 -14.99
CA PHE B 230 1.36 10.92 -15.73
C PHE B 230 -0.14 10.72 -15.52
N ASP B 231 -0.72 9.88 -16.38
CA ASP B 231 -2.12 9.48 -16.25
C ASP B 231 -2.28 8.15 -16.93
N PHE B 232 -2.53 7.12 -16.12
CA PHE B 232 -2.42 5.75 -16.60
C PHE B 232 -3.50 4.91 -15.92
N ALA B 233 -4.71 5.04 -16.46
CA ALA B 233 -5.92 4.29 -16.03
C ALA B 233 -6.21 4.44 -14.54
N GLY B 234 -5.90 5.61 -13.99
CA GLY B 234 -6.06 5.86 -12.55
C GLY B 234 -5.08 5.07 -11.69
N GLY B 235 -3.93 4.72 -12.27
CA GLY B 235 -2.82 4.18 -11.50
C GLY B 235 -2.20 5.30 -10.67
N ARG B 236 -1.49 4.92 -9.63
CA ARG B 236 -0.73 5.87 -8.81
C ARG B 236 0.59 5.18 -8.47
N LEU B 237 1.64 5.98 -8.33
CA LEU B 237 2.93 5.42 -7.96
C LEU B 237 3.77 6.52 -7.34
N GLY B 238 4.23 6.27 -6.13
CA GLY B 238 5.27 7.09 -5.49
C GLY B 238 6.57 6.31 -5.57
N TYR B 239 7.70 7.01 -5.67
CA TYR B 239 9.00 6.34 -5.68
C TYR B 239 10.08 7.26 -5.14
N PHE B 240 11.20 6.68 -4.73
CA PHE B 240 12.33 7.51 -4.33
C PHE B 240 13.62 7.07 -5.00
N VAL B 241 14.59 7.98 -5.04
CA VAL B 241 15.91 7.73 -5.59
C VAL B 241 16.94 7.95 -4.51
N ALA B 242 17.81 6.97 -4.29
CA ALA B 242 18.81 7.06 -3.24
C ALA B 242 20.00 6.14 -3.45
N ASN B 243 20.99 6.25 -2.59
CA ASN B 243 22.00 5.22 -2.47
C ASN B 243 21.30 3.87 -2.21
N PRO B 244 21.84 2.76 -2.77
CA PRO B 244 21.25 1.42 -2.59
C PRO B 244 20.95 0.99 -1.16
N ALA B 245 21.78 1.43 -0.20
CA ALA B 245 21.59 1.13 1.21
C ALA B 245 20.21 1.58 1.71
N PHE B 246 19.67 2.65 1.14
CA PHE B 246 18.31 3.09 1.50
C PHE B 246 17.20 2.11 1.08
N ILE B 247 17.41 1.41 -0.04
CA ILE B 247 16.49 0.36 -0.49
C ILE B 247 16.54 -0.78 0.51
N ASP B 248 17.75 -1.16 0.94
CA ASP B 248 17.88 -2.21 1.97
C ASP B 248 17.13 -1.83 3.24
N ALA B 249 17.10 -0.55 3.56
CA ALA B 249 16.49 -0.05 4.79
C ALA B 249 14.97 -0.18 4.76
N VAL B 250 14.35 0.34 3.71
CA VAL B 250 12.91 0.34 3.61
C VAL B 250 12.40 -1.09 3.37
N MET B 251 13.24 -1.98 2.82
CA MET B 251 12.87 -3.38 2.71
C MET B 251 12.58 -4.03 4.07
N LEU B 252 13.14 -3.47 5.14
CA LEU B 252 12.85 -3.98 6.52
C LEU B 252 11.50 -3.57 7.08
N VAL B 253 10.88 -2.55 6.49
CA VAL B 253 9.61 -2.05 6.97
C VAL B 253 8.47 -2.15 5.95
N ARG B 254 8.78 -2.43 4.68
CA ARG B 254 7.75 -2.37 3.63
C ARG B 254 6.86 -3.60 3.76
N LEU B 255 5.57 -3.42 3.53
CA LEU B 255 4.64 -4.56 3.55
C LEU B 255 4.91 -5.47 2.36
N PRO B 256 5.18 -6.75 2.63
CA PRO B 256 5.39 -7.73 1.57
C PRO B 256 4.24 -7.70 0.55
N TYR B 257 4.62 -7.60 -0.73
CA TYR B 257 3.66 -7.55 -1.82
C TYR B 257 2.78 -6.32 -1.71
N HIS B 258 3.37 -5.22 -1.23
CA HIS B 258 2.61 -3.97 -1.09
C HIS B 258 2.11 -3.48 -2.44
N LEU B 259 2.92 -3.71 -3.46
CA LEU B 259 2.69 -3.25 -4.81
C LEU B 259 2.18 -4.42 -5.64
N SER B 260 0.95 -4.32 -6.16
CA SER B 260 0.41 -5.45 -6.95
C SER B 260 1.01 -5.49 -8.36
N ALA B 261 1.02 -6.68 -8.94
CA ALA B 261 1.43 -6.89 -10.35
C ALA B 261 0.71 -5.87 -11.26
N LEU B 262 -0.59 -5.70 -11.04
CA LEU B 262 -1.39 -4.77 -11.84
C LEU B 262 -0.85 -3.35 -11.74
N SER B 263 -0.62 -2.89 -10.51
CA SER B 263 -0.10 -1.55 -10.26
C SER B 263 1.28 -1.38 -10.92
N GLN B 264 2.14 -2.40 -10.75
CA GLN B 264 3.47 -2.43 -11.34
C GLN B 264 3.39 -2.35 -12.86
N ALA B 265 2.71 -3.33 -13.48
CA ALA B 265 2.49 -3.34 -14.93
C ALA B 265 2.05 -2.00 -15.48
N ALA B 266 1.03 -1.40 -14.87
CA ALA B 266 0.42 -0.19 -15.42
C ALA B 266 1.35 1.02 -15.30
N ALA B 267 2.16 1.03 -14.24
CA ALA B 267 3.19 2.06 -14.06
C ALA B 267 4.29 1.88 -15.10
N ILE B 268 4.69 0.63 -15.36
CA ILE B 268 5.64 0.27 -16.42
C ILE B 268 5.16 0.79 -17.80
N VAL B 269 3.89 0.63 -18.12
CA VAL B 269 3.33 1.12 -19.38
C VAL B 269 3.41 2.63 -19.47
N ALA B 270 2.96 3.32 -18.43
CA ALA B 270 3.08 4.79 -18.37
C ALA B 270 4.52 5.27 -18.62
N LEU B 271 5.48 4.58 -18.01
CA LEU B 271 6.89 4.98 -18.09
C LEU B 271 7.52 4.75 -19.47
N ARG B 272 7.06 3.74 -20.21
CA ARG B 272 7.56 3.52 -21.58
C ARG B 272 6.93 4.46 -22.60
N HIS B 273 5.89 5.19 -22.22
CA HIS B 273 5.37 6.26 -23.06
C HIS B 273 5.58 7.63 -22.44
N SER B 274 6.62 7.74 -21.61
CA SER B 274 6.91 9.01 -20.93
C SER B 274 7.29 10.15 -21.87
N ALA B 275 7.85 9.82 -23.05
CA ALA B 275 8.16 10.81 -24.07
C ALA B 275 6.92 11.64 -24.42
N ASP B 276 5.77 10.99 -24.60
CA ASP B 276 4.53 11.76 -24.88
C ASP B 276 4.06 12.52 -23.65
N THR B 277 4.29 11.96 -22.46
CA THR B 277 3.94 12.64 -21.22
C THR B 277 4.77 13.91 -21.02
N LEU B 278 6.07 13.84 -21.30
CA LEU B 278 6.94 14.99 -21.10
C LEU B 278 6.65 16.14 -22.07
N GLY B 279 6.05 15.82 -23.22
CA GLY B 279 5.56 16.85 -24.15
C GLY B 279 4.43 17.67 -23.53
N THR B 280 3.49 16.98 -22.89
CA THR B 280 2.39 17.68 -22.22
C THR B 280 2.85 18.49 -21.00
N VAL B 281 3.86 18.03 -20.26
CA VAL B 281 4.34 18.81 -19.12
C VAL B 281 5.08 20.08 -19.59
N GLU B 282 5.76 19.98 -20.72
CA GLU B 282 6.38 21.14 -21.38
C GLU B 282 5.27 22.16 -21.67
N LYS B 283 4.18 21.71 -22.27
CA LYS B 283 3.03 22.57 -22.57
C LYS B 283 2.42 23.18 -21.31
N LEU B 284 2.33 22.41 -20.23
CA LEU B 284 1.85 22.94 -18.96
C LEU B 284 2.82 23.98 -18.36
N SER B 285 4.12 23.74 -18.50
CA SER B 285 5.15 24.65 -17.97
C SER B 285 5.15 26.00 -18.68
N VAL B 286 4.94 25.99 -20.00
CA VAL B 286 4.90 27.23 -20.78
C VAL B 286 3.66 28.04 -20.36
N GLU B 287 2.55 27.34 -20.22
CA GLU B 287 1.29 27.94 -19.77
C GLU B 287 1.32 28.54 -18.36
N ARG B 288 2.15 27.98 -17.48
CA ARG B 288 2.32 28.53 -16.12
C ARG B 288 2.96 29.90 -16.17
N VAL B 289 4.07 29.98 -16.91
CA VAL B 289 4.80 31.24 -17.11
C VAL B 289 3.84 32.34 -17.55
N ARG B 290 2.88 31.97 -18.42
CA ARG B 290 1.90 32.93 -18.94
C ARG B 290 0.94 33.35 -17.85
N VAL B 291 0.30 32.38 -17.23
CA VAL B 291 -0.71 32.64 -16.20
C VAL B 291 -0.16 33.48 -15.05
N ALA B 292 1.07 33.19 -14.63
CA ALA B 292 1.74 33.96 -13.58
C ALA B 292 1.97 35.41 -14.00
N ALA B 293 2.53 35.60 -15.19
CA ALA B 293 2.78 36.95 -15.72
C ALA B 293 1.49 37.79 -15.74
N ARG B 294 0.44 37.21 -16.31
CA ARG B 294 -0.85 37.88 -16.47
C ARG B 294 -1.49 38.23 -15.13
N LEU B 295 -1.35 37.35 -14.14
CA LEU B 295 -1.83 37.64 -12.80
C LEU B 295 -1.13 38.87 -12.21
N GLU B 296 0.16 38.99 -12.51
CA GLU B 296 0.96 40.13 -12.06
C GLU B 296 0.58 41.41 -12.79
N GLU B 297 0.20 41.30 -14.07
CA GLU B 297 -0.36 42.45 -14.81
C GLU B 297 -1.62 42.96 -14.11
N LEU B 298 -2.53 42.02 -13.85
CA LEU B 298 -3.80 42.30 -13.17
C LEU B 298 -3.60 42.89 -11.77
N GLY B 299 -2.39 42.75 -11.21
CA GLY B 299 -2.03 43.35 -9.93
C GLY B 299 -1.94 42.36 -8.78
N TYR B 300 -2.08 41.07 -9.07
CA TYR B 300 -1.93 40.03 -8.03
C TYR B 300 -0.46 39.86 -7.70
N ALA B 301 -0.18 39.58 -6.42
CA ALA B 301 1.16 39.19 -5.99
C ALA B 301 1.31 37.68 -6.21
N VAL B 302 2.26 37.29 -7.07
CA VAL B 302 2.45 35.87 -7.46
C VAL B 302 3.85 35.36 -7.10
N VAL B 303 3.88 34.29 -6.30
CA VAL B 303 5.16 33.66 -5.94
C VAL B 303 5.73 32.99 -7.20
N PRO B 304 7.00 33.31 -7.53
CA PRO B 304 7.63 32.62 -8.64
C PRO B 304 7.57 31.10 -8.45
N SER B 305 7.05 30.42 -9.48
CA SER B 305 6.74 29.01 -9.42
C SER B 305 7.51 28.25 -10.48
N GLU B 306 7.76 26.96 -10.22
CA GLU B 306 8.22 26.04 -11.26
C GLU B 306 7.46 24.70 -11.18
N SER B 307 6.20 24.77 -10.73
CA SER B 307 5.34 23.60 -10.55
C SER B 307 4.27 23.63 -11.63
N ASN B 308 3.20 22.85 -11.50
CA ASN B 308 2.04 22.97 -12.41
C ASN B 308 0.93 23.80 -11.75
N PHE B 309 1.32 24.76 -10.93
CA PHE B 309 0.38 25.61 -10.25
C PHE B 309 0.97 26.96 -9.89
N VAL B 310 0.08 27.87 -9.53
CA VAL B 310 0.42 29.22 -9.14
C VAL B 310 -0.23 29.52 -7.80
N PHE B 311 0.49 30.26 -6.97
CA PHE B 311 0.05 30.63 -5.64
C PHE B 311 0.07 32.12 -5.62
N PHE B 312 -1.11 32.71 -5.39
CA PHE B 312 -1.28 34.12 -5.60
C PHE B 312 -2.33 34.72 -4.68
N GLY B 313 -2.29 36.05 -4.56
CA GLY B 313 -3.41 36.76 -3.96
C GLY B 313 -3.12 38.08 -3.31
N ASP B 314 -2.99 38.02 -1.98
CA ASP B 314 -3.26 39.15 -1.09
C ASP B 314 -4.75 39.48 -1.10
N GLN B 318 -9.84 35.36 1.50
CA GLN B 318 -9.49 34.50 0.36
C GLN B 318 -10.54 33.44 0.08
N HIS B 319 -11.23 32.94 1.12
CA HIS B 319 -12.29 31.97 0.88
C HIS B 319 -13.46 32.62 0.15
N ALA B 320 -13.67 33.91 0.40
CA ALA B 320 -14.67 34.68 -0.36
C ALA B 320 -14.26 34.70 -1.84
N ALA B 321 -13.00 35.08 -2.10
CA ALA B 321 -12.44 35.05 -3.46
C ALA B 321 -12.60 33.66 -4.12
N TRP B 322 -12.33 32.62 -3.33
CA TRP B 322 -12.56 31.25 -3.78
C TRP B 322 -14.02 31.02 -4.22
N GLN B 323 -14.98 31.52 -3.44
CA GLN B 323 -16.40 31.43 -3.82
C GLN B 323 -16.68 32.20 -5.12
N ALA B 324 -16.13 33.42 -5.23
CA ALA B 324 -16.24 34.22 -6.45
C ALA B 324 -15.89 33.42 -7.70
N PHE B 325 -14.69 32.83 -7.72
CA PHE B 325 -14.25 32.00 -8.86
C PHE B 325 -15.26 30.89 -9.14
N LEU B 326 -15.67 30.18 -8.08
CA LEU B 326 -16.63 29.07 -8.24
C LEU B 326 -17.94 29.55 -8.85
N ASP B 327 -18.44 30.71 -8.40
CA ASP B 327 -19.67 31.32 -8.98
C ASP B 327 -19.54 31.48 -10.49
N ARG B 328 -18.31 31.76 -10.96
CA ARG B 328 -18.05 31.90 -12.39
C ARG B 328 -17.69 30.58 -13.05
N GLY B 329 -17.93 29.47 -12.35
CA GLY B 329 -17.71 28.12 -12.88
C GLY B 329 -16.28 27.63 -12.84
N VAL B 330 -15.45 28.26 -11.99
CA VAL B 330 -14.02 27.98 -11.91
C VAL B 330 -13.62 27.49 -10.52
N LEU B 331 -13.34 26.19 -10.41
CA LEU B 331 -12.92 25.61 -9.15
C LEU B 331 -11.38 25.64 -9.03
N ILE B 332 -10.86 26.55 -8.21
CA ILE B 332 -9.46 26.48 -7.78
C ILE B 332 -9.38 25.97 -6.32
N ARG B 333 -8.22 26.09 -5.69
CA ARG B 333 -8.03 25.54 -4.33
C ARG B 333 -7.80 26.63 -3.28
N ASP B 334 -8.52 26.52 -2.16
CA ASP B 334 -8.26 27.26 -0.93
C ASP B 334 -7.49 26.32 -0.03
N VAL B 335 -6.19 26.60 0.14
CA VAL B 335 -5.32 25.74 0.93
C VAL B 335 -5.25 26.21 2.39
N GLY B 336 -6.19 27.06 2.80
CA GLY B 336 -6.24 27.57 4.17
C GLY B 336 -5.06 28.45 4.56
N ILE B 337 -4.45 29.09 3.58
CA ILE B 337 -3.35 30.01 3.85
C ILE B 337 -3.89 31.39 3.60
N ALA B 338 -3.81 32.23 4.62
CA ALA B 338 -4.38 33.58 4.62
C ALA B 338 -3.91 34.36 3.40
N GLY B 339 -4.82 35.12 2.81
CA GLY B 339 -4.49 36.02 1.70
C GLY B 339 -4.19 35.39 0.34
N HIS B 340 -4.16 34.06 0.25
CA HIS B 340 -3.73 33.43 -1.00
C HIS B 340 -4.59 32.22 -1.39
N LEU B 341 -4.61 31.97 -2.69
CA LEU B 341 -5.26 30.80 -3.28
C LEU B 341 -4.34 30.14 -4.31
N ARG B 342 -4.54 28.83 -4.53
CA ARG B 342 -3.73 28.07 -5.49
C ARG B 342 -4.52 27.60 -6.71
N THR B 343 -4.18 28.13 -7.90
CA THR B 343 -4.75 27.62 -9.16
C THR B 343 -3.79 26.69 -9.89
N THR B 344 -4.24 25.47 -10.18
CA THR B 344 -3.41 24.54 -10.95
C THR B 344 -3.58 24.83 -12.43
N ILE B 345 -2.49 24.72 -13.18
CA ILE B 345 -2.49 25.06 -14.59
C ILE B 345 -3.19 23.93 -15.35
N GLY B 346 -4.08 24.32 -16.26
CA GLY B 346 -4.81 23.36 -17.09
C GLY B 346 -4.52 23.60 -18.55
N VAL B 347 -5.45 23.17 -19.41
CA VAL B 347 -5.37 23.48 -20.83
C VAL B 347 -5.57 24.99 -21.01
N PRO B 348 -5.09 25.55 -22.12
CA PRO B 348 -5.17 27.03 -22.32
C PRO B 348 -6.57 27.66 -22.17
N GLU B 349 -7.60 27.00 -22.68
CA GLU B 349 -8.97 27.53 -22.54
C GLU B 349 -9.35 27.64 -21.06
N GLU B 350 -9.12 26.57 -20.30
CA GLU B 350 -9.27 26.60 -18.86
C GLU B 350 -8.45 27.74 -18.24
N ASN B 351 -7.21 27.92 -18.70
CA ASN B 351 -6.32 28.96 -18.16
C ASN B 351 -6.84 30.38 -18.41
N ASP B 352 -7.41 30.62 -19.57
CA ASP B 352 -8.00 31.92 -19.91
C ASP B 352 -9.28 32.16 -19.10
N ALA B 353 -10.13 31.13 -19.06
CA ALA B 353 -11.33 31.15 -18.22
C ALA B 353 -11.00 31.50 -16.77
N PHE B 354 -9.86 31.01 -16.27
CA PHE B 354 -9.41 31.39 -14.94
C PHE B 354 -8.99 32.87 -14.91
N LEU B 355 -8.20 33.26 -15.91
CA LEU B 355 -7.67 34.63 -15.99
C LEU B 355 -8.79 35.67 -16.10
N ASP B 356 -9.86 35.33 -16.83
CA ASP B 356 -11.06 36.18 -16.89
C ASP B 356 -11.61 36.45 -15.50
N ALA B 357 -11.90 35.37 -14.78
CA ALA B 357 -12.48 35.45 -13.43
C ALA B 357 -11.60 36.24 -12.46
N ALA B 358 -10.28 36.08 -12.59
CA ALA B 358 -9.33 36.70 -11.67
C ALA B 358 -9.20 38.21 -11.88
N ALA B 359 -9.20 38.65 -13.14
CA ALA B 359 -9.19 40.07 -13.48
C ALA B 359 -10.36 40.80 -12.81
N GLU B 360 -11.54 40.21 -12.89
CA GLU B 360 -12.76 40.83 -12.39
C GLU B 360 -12.92 40.61 -10.90
N ILE B 361 -12.27 39.58 -10.36
CA ILE B 361 -12.30 39.31 -8.91
C ILE B 361 -11.52 40.38 -8.11
N ILE B 362 -10.75 41.23 -8.80
CA ILE B 362 -10.30 42.51 -8.23
C ILE B 362 -10.71 43.68 -9.12
N LEU B 364 -10.39 45.20 -1.40
CA LEU B 364 -11.64 45.22 -0.62
C LEU B 364 -11.55 44.37 0.67
N ASN B 365 -12.20 44.85 1.72
CA ASN B 365 -12.09 44.27 3.07
C ASN B 365 -13.36 43.47 3.50
N LEU B 366 -13.30 42.82 4.69
CA LEU B 366 -14.47 42.16 5.39
C LEU B 366 -14.04 41.39 6.68
N SER B 367 -14.74 41.64 7.79
CA SER B 367 -14.26 41.26 9.15
C SER B 367 -14.48 39.79 9.59
N ALA B 368 -13.75 39.37 10.63
CA ALA B 368 -13.80 37.99 11.14
C ALA B 368 -14.52 37.88 12.49
N TRP B 369 -15.55 37.04 12.52
CA TRP B 369 -16.45 36.89 13.69
C TRP B 369 -16.20 35.56 14.38
N SER B 370 -16.50 35.48 15.68
CA SER B 370 -16.60 34.19 16.37
C SER B 370 -18.08 33.82 16.54
C ACT C . 1.25 -18.26 0.76
O ACT C . 1.95 -18.84 -0.12
OXT ACT C . 1.62 -18.38 1.96
CH3 ACT C . 0.05 -17.45 0.36
C ACT D . -3.03 18.61 -4.64
O ACT D . -4.16 19.02 -4.93
OXT ACT D . -2.42 19.20 -3.72
CH3 ACT D . -2.43 17.45 -5.38
#